data_3W6J
#
_entry.id   3W6J
#
_cell.length_a   90.856
_cell.length_b   127.423
_cell.length_c   97.218
_cell.angle_alpha   90.00
_cell.angle_beta   113.84
_cell.angle_gamma   90.00
#
_symmetry.space_group_name_H-M   'P 1 21 1'
#
loop_
_entity.id
_entity.type
_entity.pdbx_description
1 polymer ScpA
2 polymer ScpB
3 water water
#
loop_
_entity_poly.entity_id
_entity_poly.type
_entity_poly.pdbx_seq_one_letter_code
_entity_poly.pdbx_strand_id
1 'polypeptide(L)'
;MDVQLPYNVKIEAFEGPLDLLLHLINRYEIDIYDIPVAQITEQYMAYIHAMQELELDIASEYLVMAATLLAIKSKMLLPP
SNEEAVDGDIEWGDDGDPREELTQRLLEYKKFKEAARELKRREEERALLFTKPPSDLSAYADEKKAAPLDVNVYDMLGAL
SKLLRRKKLQKPMR
;
A,D
2 'polypeptide(L)'
;GSHMGALKPAKAIVEALLFAAGDEGLSLSQIAAVLEVSELEAKAVIEELQQDCRREERGIQLVELGGVFLLATKKEHAPY
LKKLVEAPGASPLSQAALETLAIIAYRQPITRAEIEEIRGVKSDKPLQTLMARALIKEVGRAEGTGRPILYGTTPEFLDY
FGLKTLEELPPLPEWADDGESERE
;
B,C,E,F
#
# COMPACT_ATOMS: atom_id res chain seq x y z
N MET A 1 16.25 -12.80 -26.16
CA MET A 1 17.27 -11.79 -26.37
C MET A 1 18.47 -11.98 -25.42
N ASP A 2 19.38 -11.00 -25.43
CA ASP A 2 20.59 -11.05 -24.62
C ASP A 2 20.37 -10.57 -23.17
N VAL A 3 19.48 -9.60 -23.00
CA VAL A 3 19.22 -9.05 -21.67
C VAL A 3 17.91 -9.49 -21.03
N GLN A 4 17.78 -9.12 -19.76
CA GLN A 4 16.61 -9.40 -18.96
C GLN A 4 15.86 -8.10 -18.73
N LEU A 5 14.81 -7.88 -19.53
CA LEU A 5 14.03 -6.65 -19.42
C LEU A 5 13.36 -6.53 -18.05
N PRO A 6 13.32 -5.30 -17.49
CA PRO A 6 12.82 -4.93 -16.15
C PRO A 6 11.30 -4.86 -16.06
N TYR A 7 10.70 -5.75 -15.26
CA TYR A 7 9.24 -5.78 -15.13
C TYR A 7 8.81 -5.90 -13.68
N ASN A 8 7.83 -5.08 -13.30
CA ASN A 8 7.21 -5.13 -11.97
C ASN A 8 6.40 -6.41 -11.75
N VAL A 9 5.44 -6.63 -12.66
CA VAL A 9 4.38 -7.63 -12.50
C VAL A 9 4.63 -8.90 -13.30
N LYS A 10 4.24 -10.05 -12.75
CA LYS A 10 4.21 -11.31 -13.52
C LYS A 10 2.84 -11.43 -14.22
N ILE A 11 2.83 -12.14 -15.35
CA ILE A 11 1.64 -12.21 -16.20
C ILE A 11 0.38 -12.65 -15.46
N GLU A 12 0.55 -13.43 -14.38
CA GLU A 12 -0.59 -13.87 -13.57
C GLU A 12 -1.41 -12.69 -13.02
N ALA A 13 -0.77 -11.54 -12.84
CA ALA A 13 -1.46 -10.35 -12.35
C ALA A 13 -2.49 -9.80 -13.33
N PHE A 14 -2.45 -10.25 -14.59
CA PHE A 14 -3.37 -9.71 -15.59
C PHE A 14 -4.52 -10.63 -15.90
N GLU A 15 -5.68 -10.01 -16.15
CA GLU A 15 -6.85 -10.75 -16.60
C GLU A 15 -6.91 -10.78 -18.12
N GLY A 16 -5.88 -11.34 -18.74
CA GLY A 16 -5.87 -11.52 -20.18
C GLY A 16 -5.31 -10.37 -21.00
N PRO A 17 -5.37 -10.52 -22.34
CA PRO A 17 -4.77 -9.54 -23.24
C PRO A 17 -5.28 -8.11 -23.11
N LEU A 18 -6.60 -7.90 -23.08
CA LEU A 18 -7.12 -6.53 -22.96
C LEU A 18 -6.56 -5.86 -21.72
N ASP A 19 -6.53 -6.61 -20.64
CA ASP A 19 -6.01 -6.11 -19.38
C ASP A 19 -4.54 -5.72 -19.52
N LEU A 20 -3.71 -6.61 -20.05
CA LEU A 20 -2.31 -6.28 -20.36
C LEU A 20 -2.19 -5.05 -21.26
N LEU A 21 -2.97 -5.04 -22.35
CA LEU A 21 -2.91 -3.89 -23.24
C LEU A 21 -3.25 -2.57 -22.51
N LEU A 22 -4.28 -2.56 -21.67
CA LEU A 22 -4.67 -1.34 -20.93
C LEU A 22 -3.55 -0.87 -19.99
N HIS A 23 -2.85 -1.83 -19.38
CA HIS A 23 -1.68 -1.52 -18.57
C HIS A 23 -0.57 -0.86 -19.39
N LEU A 24 -0.26 -1.41 -20.56
CA LEU A 24 0.76 -0.82 -21.43
C LEU A 24 0.36 0.59 -21.90
N ILE A 25 -0.90 0.73 -22.30
CA ILE A 25 -1.43 2.01 -22.71
C ILE A 25 -1.26 3.05 -21.60
N ASN A 26 -1.37 2.59 -20.37
CA ASN A 26 -1.14 3.44 -19.23
C ASN A 26 0.34 3.75 -18.99
N ARG A 27 1.17 2.70 -18.96
CA ARG A 27 2.61 2.81 -18.76
C ARG A 27 3.30 3.77 -19.75
N TYR A 28 2.92 3.69 -21.02
CA TYR A 28 3.57 4.50 -22.07
C TYR A 28 2.75 5.68 -22.51
N GLU A 29 1.75 6.03 -21.68
CA GLU A 29 0.88 7.18 -21.91
C GLU A 29 0.30 7.25 -23.31
N ILE A 30 -0.07 6.08 -23.83
CA ILE A 30 -0.69 5.94 -25.14
C ILE A 30 -2.08 6.53 -25.11
N ASP A 31 -2.45 7.24 -26.17
CA ASP A 31 -3.83 7.71 -26.31
C ASP A 31 -4.68 6.55 -26.83
N ILE A 32 -5.63 6.10 -26.01
CA ILE A 32 -6.41 4.91 -26.33
C ILE A 32 -7.29 5.07 -27.58
N TYR A 33 -7.67 6.29 -27.91
CA TYR A 33 -8.51 6.52 -29.11
C TYR A 33 -7.67 6.68 -30.36
N ASP A 34 -6.36 6.55 -30.21
CA ASP A 34 -5.45 6.71 -31.35
C ASP A 34 -4.17 5.91 -31.13
N ILE A 35 -4.30 4.59 -31.26
CA ILE A 35 -3.25 3.67 -30.80
C ILE A 35 -2.11 3.49 -31.83
N PRO A 36 -0.86 3.75 -31.39
CA PRO A 36 0.35 3.51 -32.18
C PRO A 36 0.62 2.02 -32.28
N VAL A 37 -0.01 1.35 -33.23
CA VAL A 37 0.03 -0.11 -33.26
C VAL A 37 1.42 -0.72 -33.13
N ALA A 38 2.35 -0.27 -33.95
CA ALA A 38 3.69 -0.83 -33.99
C ALA A 38 4.36 -0.81 -32.62
N GLN A 39 4.39 0.38 -32.01
CA GLN A 39 5.00 0.55 -30.70
C GLN A 39 4.36 -0.37 -29.66
N ILE A 40 3.03 -0.35 -29.59
CA ILE A 40 2.36 -1.17 -28.61
C ILE A 40 2.59 -2.65 -28.87
N THR A 41 2.51 -3.06 -30.13
CA THR A 41 2.83 -4.44 -30.49
C THR A 41 4.22 -4.79 -29.99
N GLU A 42 5.17 -3.89 -30.18
CA GLU A 42 6.53 -4.12 -29.68
C GLU A 42 6.60 -4.34 -28.18
N GLN A 43 5.82 -3.54 -27.44
CA GLN A 43 5.83 -3.65 -25.99
C GLN A 43 5.15 -4.95 -25.56
N TYR A 44 4.03 -5.26 -26.21
CA TYR A 44 3.30 -6.49 -25.95
C TYR A 44 4.16 -7.76 -26.18
N MET A 45 4.79 -7.87 -27.33
CA MET A 45 5.61 -9.04 -27.64
C MET A 45 6.75 -9.23 -26.66
N ALA A 46 7.42 -8.13 -26.31
CA ALA A 46 8.60 -8.22 -25.45
C ALA A 46 8.24 -8.79 -24.08
N TYR A 47 7.11 -8.33 -23.55
CA TYR A 47 6.61 -8.85 -22.26
C TYR A 47 6.30 -10.34 -22.33
N ILE A 48 5.56 -10.75 -23.36
CA ILE A 48 5.16 -12.15 -23.53
C ILE A 48 6.37 -13.08 -23.57
N HIS A 49 7.31 -12.74 -24.44
CA HIS A 49 8.56 -13.47 -24.57
C HIS A 49 9.28 -13.59 -23.22
N ALA A 50 9.46 -12.45 -22.54
CA ALA A 50 10.07 -12.44 -21.20
C ALA A 50 9.42 -13.46 -20.26
N MET A 51 8.10 -13.48 -20.24
CA MET A 51 7.37 -14.45 -19.43
C MET A 51 7.54 -15.89 -19.92
N GLN A 52 7.54 -16.10 -21.23
CA GLN A 52 7.79 -17.42 -21.81
C GLN A 52 9.17 -17.96 -21.42
N GLU A 53 10.15 -17.06 -21.34
CA GLU A 53 11.50 -17.42 -20.91
C GLU A 53 11.46 -18.07 -19.53
N LEU A 54 10.63 -17.52 -18.65
CA LEU A 54 10.50 -17.96 -17.25
C LEU A 54 9.60 -19.18 -17.09
N GLU A 55 9.35 -19.90 -18.18
CA GLU A 55 8.42 -21.04 -18.19
C GLU A 55 7.12 -20.77 -17.44
N LEU A 56 6.67 -19.51 -17.45
CA LEU A 56 5.40 -19.15 -16.82
C LEU A 56 4.20 -19.59 -17.66
N ASP A 57 3.00 -19.46 -17.09
CA ASP A 57 1.79 -19.86 -17.80
C ASP A 57 1.23 -18.73 -18.67
N ILE A 58 1.47 -18.84 -19.98
CA ILE A 58 0.84 -17.92 -20.90
C ILE A 58 -0.50 -18.53 -21.35
N ALA A 59 -1.60 -17.99 -20.81
CA ALA A 59 -2.94 -18.38 -21.25
C ALA A 59 -3.07 -18.28 -22.77
N SER A 60 -4.05 -18.97 -23.32
CA SER A 60 -4.19 -19.09 -24.77
C SER A 60 -4.37 -17.75 -25.47
N GLU A 61 -5.21 -16.90 -24.88
CA GLU A 61 -5.63 -15.66 -25.52
C GLU A 61 -4.50 -14.65 -25.73
N TYR A 62 -3.40 -14.80 -25.00
CA TYR A 62 -2.27 -13.88 -25.14
C TYR A 62 -1.58 -14.08 -26.49
N LEU A 63 -1.38 -15.35 -26.85
CA LEU A 63 -0.81 -15.69 -28.16
C LEU A 63 -1.74 -15.30 -29.30
N VAL A 64 -3.04 -15.51 -29.10
CA VAL A 64 -4.00 -15.09 -30.13
C VAL A 64 -3.92 -13.57 -30.30
N MET A 65 -3.79 -12.87 -29.18
CA MET A 65 -3.77 -11.41 -29.25
C MET A 65 -2.51 -10.94 -29.95
N ALA A 66 -1.41 -11.65 -29.72
CA ALA A 66 -0.16 -11.35 -30.42
C ALA A 66 -0.35 -11.46 -31.93
N ALA A 67 -0.89 -12.59 -32.40
CA ALA A 67 -1.11 -12.77 -33.84
C ALA A 67 -2.00 -11.66 -34.38
N THR A 68 -2.99 -11.27 -33.59
CA THR A 68 -3.90 -10.20 -33.97
C THR A 68 -3.17 -8.86 -34.20
N LEU A 69 -2.29 -8.51 -33.26
CA LEU A 69 -1.52 -7.28 -33.35
C LEU A 69 -0.47 -7.30 -34.48
N LEU A 70 0.24 -8.42 -34.63
CA LEU A 70 1.23 -8.57 -35.71
C LEU A 70 0.56 -8.41 -37.09
N ALA A 71 -0.63 -9.00 -37.21
CA ALA A 71 -1.44 -8.91 -38.42
C ALA A 71 -1.94 -7.49 -38.71
N ILE A 72 -2.42 -6.78 -37.69
CA ILE A 72 -2.87 -5.41 -37.89
C ILE A 72 -1.69 -4.58 -38.37
N LYS A 73 -0.55 -4.79 -37.73
CA LYS A 73 0.69 -4.11 -38.12
C LYS A 73 1.12 -4.40 -39.55
N SER A 74 1.10 -5.67 -39.98
CA SER A 74 1.48 -6.01 -41.37
C SER A 74 0.60 -5.30 -42.39
N LYS A 75 -0.71 -5.50 -42.28
CA LYS A 75 -1.70 -4.87 -43.14
C LYS A 75 -1.48 -3.39 -43.37
N MET A 76 -1.23 -2.65 -42.30
CA MET A 76 -1.02 -1.21 -42.39
C MET A 76 0.27 -0.85 -43.13
N LEU A 77 1.26 -1.75 -43.11
CA LEU A 77 2.60 -1.40 -43.58
C LEU A 77 2.93 -1.95 -44.98
N LEU A 78 2.64 -3.22 -45.18
CA LEU A 78 2.90 -3.94 -46.42
C LEU A 78 1.90 -3.54 -47.52
N PRO A 79 2.33 -3.64 -48.80
CA PRO A 79 1.63 -3.22 -50.03
C PRO A 79 0.13 -3.53 -50.24
N PRO A 80 -0.28 -4.80 -50.15
CA PRO A 80 -1.55 -5.16 -50.83
C PRO A 80 -2.78 -4.38 -50.38
N ASP A 97 -10.97 2.18 -39.05
CA ASP A 97 -9.64 1.63 -38.87
C ASP A 97 -9.66 0.10 -38.84
N PRO A 98 -8.51 -0.53 -39.14
CA PRO A 98 -8.39 -1.98 -38.97
C PRO A 98 -8.24 -2.33 -37.49
N ARG A 99 -8.20 -1.27 -36.68
CA ARG A 99 -7.98 -1.36 -35.26
C ARG A 99 -9.04 -0.62 -34.45
N GLU A 100 -10.16 -0.30 -35.08
CA GLU A 100 -11.28 0.29 -34.35
C GLU A 100 -11.99 -0.77 -33.52
N GLU A 101 -11.90 -2.02 -33.96
CA GLU A 101 -12.53 -3.11 -33.24
C GLU A 101 -11.82 -3.26 -31.89
N LEU A 102 -10.50 -3.38 -31.96
CA LEU A 102 -9.64 -3.48 -30.81
C LEU A 102 -9.73 -2.29 -29.86
N THR A 103 -9.77 -1.08 -30.41
CA THR A 103 -9.98 0.11 -29.58
C THR A 103 -11.31 0.03 -28.82
N GLN A 104 -12.37 -0.37 -29.51
CA GLN A 104 -13.68 -0.44 -28.87
C GLN A 104 -13.72 -1.53 -27.81
N ARG A 105 -12.97 -2.61 -28.04
CA ARG A 105 -12.84 -3.72 -27.11
C ARG A 105 -12.23 -3.27 -25.81
N LEU A 106 -11.14 -2.53 -25.94
CA LEU A 106 -10.38 -1.99 -24.84
C LEU A 106 -11.20 -1.00 -24.01
N LEU A 107 -11.94 -0.13 -24.69
CA LEU A 107 -12.71 0.90 -23.99
C LEU A 107 -13.82 0.26 -23.18
N GLU A 108 -14.40 -0.77 -23.78
CA GLU A 108 -15.46 -1.55 -23.17
C GLU A 108 -14.93 -2.31 -21.95
N TYR A 109 -13.82 -2.99 -22.10
CA TYR A 109 -13.27 -3.74 -20.99
C TYR A 109 -12.87 -2.81 -19.84
N LYS A 110 -12.26 -1.69 -20.21
CA LYS A 110 -11.86 -0.67 -19.26
C LYS A 110 -13.04 -0.20 -18.44
N LYS A 111 -14.19 -0.05 -19.09
CA LYS A 111 -15.39 0.39 -18.41
C LYS A 111 -15.73 -0.55 -17.24
N PHE A 112 -15.65 -1.85 -17.48
CA PHE A 112 -15.94 -2.82 -16.42
C PHE A 112 -14.79 -3.11 -15.49
N LYS A 113 -13.59 -2.79 -15.90
CA LYS A 113 -12.46 -2.84 -15.01
C LYS A 113 -12.76 -1.84 -13.89
N GLU A 114 -13.19 -0.65 -14.27
CA GLU A 114 -13.44 0.42 -13.31
C GLU A 114 -14.69 0.14 -12.48
N ALA A 115 -15.75 -0.34 -13.11
CA ALA A 115 -16.94 -0.71 -12.38
C ALA A 115 -16.65 -1.82 -11.35
N ALA A 116 -15.67 -2.67 -11.65
CA ALA A 116 -15.35 -3.78 -10.76
C ALA A 116 -14.53 -3.33 -9.55
N ARG A 117 -13.83 -2.19 -9.69
CA ARG A 117 -13.11 -1.55 -8.60
C ARG A 117 -14.09 -0.94 -7.63
N GLU A 118 -15.15 -0.34 -8.16
CA GLU A 118 -16.16 0.26 -7.28
C GLU A 118 -16.87 -0.81 -6.49
N LEU A 119 -17.15 -1.93 -7.14
CA LEU A 119 -17.71 -3.08 -6.45
C LEU A 119 -16.76 -3.57 -5.37
N LYS A 120 -15.47 -3.61 -5.67
CA LYS A 120 -14.49 -4.11 -4.70
C LYS A 120 -14.51 -3.31 -3.41
N ARG A 121 -14.60 -1.99 -3.53
CA ARG A 121 -14.74 -1.14 -2.36
C ARG A 121 -15.98 -1.49 -1.55
N ARG A 122 -17.10 -1.81 -2.22
CA ARG A 122 -18.32 -2.11 -1.50
C ARG A 122 -18.22 -3.43 -0.80
N GLU A 123 -17.54 -4.38 -1.44
CA GLU A 123 -17.30 -5.69 -0.82
C GLU A 123 -16.61 -5.48 0.53
N GLU A 124 -15.60 -4.59 0.55
CA GLU A 124 -14.78 -4.29 1.73
C GLU A 124 -15.59 -3.56 2.80
N GLU A 125 -16.27 -2.50 2.39
CA GLU A 125 -17.15 -1.74 3.28
C GLU A 125 -18.22 -2.62 3.91
N ARG A 126 -18.81 -3.52 3.13
CA ARG A 126 -19.79 -4.46 3.66
C ARG A 126 -19.17 -5.42 4.70
N ALA A 127 -17.91 -5.78 4.46
CA ALA A 127 -17.22 -6.76 5.29
C ALA A 127 -17.00 -6.24 6.70
N LEU A 128 -16.98 -4.92 6.85
CA LEU A 128 -16.75 -4.26 8.12
C LEU A 128 -17.97 -4.31 9.04
N LEU A 129 -19.14 -4.64 8.51
CA LEU A 129 -20.36 -4.80 9.31
C LEU A 129 -20.49 -6.23 9.79
N PHE A 130 -20.48 -6.44 11.11
CA PHE A 130 -20.63 -7.79 11.66
C PHE A 130 -22.08 -8.15 11.95
N THR A 131 -22.44 -9.38 11.62
CA THR A 131 -23.77 -9.91 11.86
C THR A 131 -23.64 -11.07 12.85
N LYS A 132 -24.74 -11.48 13.44
CA LYS A 132 -24.71 -12.71 14.23
C LYS A 132 -25.45 -13.83 13.50
N PRO A 133 -25.11 -15.09 13.82
CA PRO A 133 -25.89 -16.19 13.24
C PRO A 133 -27.29 -16.15 13.82
N PRO A 134 -28.26 -16.78 13.13
CA PRO A 134 -29.63 -16.82 13.65
C PRO A 134 -29.68 -17.47 15.03
N SER A 135 -30.73 -17.22 15.79
CA SER A 135 -30.93 -17.97 17.01
C SER A 135 -31.52 -19.32 16.67
N ASP A 136 -31.25 -20.32 17.52
CA ASP A 136 -31.87 -21.64 17.41
C ASP A 136 -33.30 -21.58 17.93
N LEU A 137 -34.26 -21.45 17.04
CA LEU A 137 -35.66 -21.29 17.40
C LEU A 137 -36.40 -22.62 17.38
N SER A 138 -35.66 -23.73 17.47
CA SER A 138 -36.26 -25.06 17.40
C SER A 138 -37.26 -25.30 18.52
N ALA A 139 -36.95 -24.81 19.72
CA ALA A 139 -37.87 -24.94 20.85
C ALA A 139 -39.22 -24.25 20.58
N TYR A 140 -39.16 -23.00 20.11
CA TYR A 140 -40.37 -22.19 19.91
C TYR A 140 -41.28 -22.74 18.81
N ALA A 141 -40.86 -23.81 18.14
CA ALA A 141 -41.61 -24.40 17.03
C ALA A 141 -43.08 -24.66 17.33
N LEU A 149 -41.95 -26.79 2.92
CA LEU A 149 -41.28 -25.57 2.45
C LEU A 149 -40.90 -25.64 0.96
N ASP A 150 -41.29 -24.62 0.20
CA ASP A 150 -40.91 -24.53 -1.21
C ASP A 150 -39.55 -23.83 -1.33
N VAL A 151 -38.56 -24.58 -1.78
CA VAL A 151 -37.19 -24.09 -1.91
C VAL A 151 -36.56 -24.63 -3.19
N ASN A 152 -35.50 -23.97 -3.65
CA ASN A 152 -34.76 -24.43 -4.83
C ASN A 152 -33.27 -24.62 -4.55
N VAL A 153 -32.54 -25.11 -5.55
CA VAL A 153 -31.10 -25.30 -5.46
C VAL A 153 -30.35 -23.99 -5.12
N TYR A 154 -30.88 -22.86 -5.58
CA TYR A 154 -30.32 -21.56 -5.21
C TYR A 154 -30.45 -21.29 -3.72
N ASP A 155 -31.61 -21.65 -3.15
CA ASP A 155 -31.85 -21.48 -1.73
C ASP A 155 -30.85 -22.27 -0.89
N MET A 156 -30.47 -23.45 -1.37
CA MET A 156 -29.43 -24.24 -0.71
C MET A 156 -28.07 -23.58 -0.81
N LEU A 157 -27.72 -23.13 -2.00
CA LEU A 157 -26.43 -22.51 -2.24
C LEU A 157 -26.34 -21.23 -1.43
N GLY A 158 -27.47 -20.54 -1.31
CA GLY A 158 -27.54 -19.32 -0.54
C GLY A 158 -27.36 -19.57 0.95
N ALA A 159 -28.08 -20.56 1.45
CA ALA A 159 -27.99 -20.96 2.85
C ALA A 159 -26.56 -21.31 3.26
N LEU A 160 -25.83 -21.90 2.31
CA LEU A 160 -24.49 -22.40 2.55
C LEU A 160 -23.44 -21.31 2.41
N SER A 161 -23.68 -20.38 1.49
CA SER A 161 -22.76 -19.27 1.33
C SER A 161 -22.90 -18.34 2.52
N LYS A 162 -24.12 -18.20 3.03
CA LYS A 162 -24.37 -17.37 4.18
C LYS A 162 -23.64 -17.98 5.38
N LEU A 163 -23.63 -19.32 5.47
CA LEU A 163 -22.90 -20.02 6.52
C LEU A 163 -21.38 -19.85 6.44
N LEU A 164 -20.82 -19.99 5.25
CA LEU A 164 -19.37 -19.95 5.06
C LEU A 164 -18.85 -18.53 5.12
N ARG A 165 -19.75 -17.56 5.03
CA ARG A 165 -19.41 -16.16 5.23
C ARG A 165 -19.22 -15.80 6.73
N ARG A 166 -19.83 -16.60 7.62
CA ARG A 166 -19.76 -16.33 9.06
C ARG A 166 -18.35 -16.34 9.60
N LYS A 167 -17.95 -15.22 10.20
CA LYS A 167 -16.68 -15.13 10.88
C LYS A 167 -16.86 -15.80 12.24
N LYS A 168 -15.85 -16.52 12.72
CA LYS A 168 -15.95 -17.13 14.05
C LYS A 168 -15.15 -16.31 15.07
N LEU A 169 -15.81 -15.93 16.15
CA LEU A 169 -15.15 -15.19 17.21
C LEU A 169 -14.64 -16.15 18.27
N GLN A 170 -13.58 -15.74 18.97
CA GLN A 170 -13.05 -16.51 20.09
C GLN A 170 -14.11 -16.74 21.17
N LYS A 171 -14.31 -18.00 21.52
CA LYS A 171 -15.27 -18.37 22.55
C LYS A 171 -14.66 -18.09 23.92
N PRO A 172 -15.51 -17.75 24.90
CA PRO A 172 -15.08 -17.47 26.28
C PRO A 172 -14.52 -18.69 27.02
N MET A 173 -13.52 -18.46 27.86
CA MET A 173 -12.86 -19.54 28.59
C MET A 173 -13.36 -19.65 30.05
N LYS B 8 -20.98 7.50 25.34
CA LYS B 8 -19.84 6.61 25.57
C LYS B 8 -19.48 5.80 24.32
N PRO B 9 -18.20 5.88 23.87
CA PRO B 9 -17.80 4.99 22.78
C PRO B 9 -17.49 3.58 23.32
N ALA B 10 -17.20 3.45 24.60
CA ALA B 10 -16.87 2.14 25.17
C ALA B 10 -18.11 1.25 25.20
N LYS B 11 -19.23 1.85 25.58
CA LYS B 11 -20.49 1.15 25.64
C LYS B 11 -20.89 0.64 24.25
N ALA B 12 -20.74 1.51 23.24
CA ALA B 12 -21.05 1.12 21.86
C ALA B 12 -20.18 -0.03 21.38
N ILE B 13 -18.91 -0.02 21.76
CA ILE B 13 -18.00 -1.11 21.37
C ILE B 13 -18.43 -2.41 22.03
N VAL B 14 -18.77 -2.33 23.32
CA VAL B 14 -19.21 -3.51 24.06
C VAL B 14 -20.48 -4.12 23.48
N GLU B 15 -21.43 -3.27 23.06
CA GLU B 15 -22.67 -3.76 22.42
C GLU B 15 -22.35 -4.42 21.09
N ALA B 16 -21.47 -3.82 20.32
CA ALA B 16 -21.06 -4.41 19.06
C ALA B 16 -20.37 -5.75 19.29
N LEU B 17 -19.53 -5.81 20.32
CA LEU B 17 -18.82 -7.06 20.60
C LEU B 17 -19.80 -8.17 20.97
N LEU B 18 -20.66 -7.88 21.93
CA LEU B 18 -21.58 -8.86 22.46
C LEU B 18 -22.61 -9.27 21.40
N PHE B 19 -22.99 -8.32 20.55
CA PHE B 19 -23.89 -8.64 19.47
C PHE B 19 -23.27 -9.66 18.52
N ALA B 20 -22.06 -9.36 18.05
CA ALA B 20 -21.35 -10.27 17.13
C ALA B 20 -21.09 -11.63 17.73
N ALA B 21 -20.86 -11.66 19.05
CA ALA B 21 -20.54 -12.91 19.73
C ALA B 21 -21.74 -13.83 19.77
N GLY B 22 -22.94 -13.23 19.78
CA GLY B 22 -24.18 -13.98 19.72
C GLY B 22 -24.40 -14.87 20.93
N ASP B 23 -24.94 -16.06 20.68
CA ASP B 23 -25.28 -16.99 21.75
C ASP B 23 -24.07 -17.46 22.58
N GLU B 24 -22.88 -17.44 21.98
CA GLU B 24 -21.67 -17.85 22.68
C GLU B 24 -21.25 -16.85 23.74
N GLY B 25 -21.24 -15.58 23.35
CA GLY B 25 -20.91 -14.51 24.30
C GLY B 25 -19.41 -14.28 24.49
N LEU B 26 -19.07 -13.47 25.48
CA LEU B 26 -17.67 -13.16 25.77
C LEU B 26 -17.42 -13.08 27.28
N SER B 27 -16.18 -13.33 27.70
CA SER B 27 -15.83 -13.15 29.12
C SER B 27 -15.33 -11.74 29.41
N LEU B 28 -15.44 -11.32 30.67
CA LEU B 28 -14.94 -10.01 31.10
C LEU B 28 -13.48 -9.79 30.68
N SER B 29 -12.67 -10.84 30.80
CA SER B 29 -11.29 -10.81 30.31
C SER B 29 -11.20 -10.43 28.83
N GLN B 30 -11.99 -11.06 27.97
CA GLN B 30 -11.93 -10.72 26.55
C GLN B 30 -12.40 -9.29 26.29
N ILE B 31 -13.56 -8.92 26.84
CA ILE B 31 -14.07 -7.57 26.65
C ILE B 31 -13.04 -6.53 27.11
N ALA B 32 -12.50 -6.71 28.32
CA ALA B 32 -11.47 -5.80 28.82
C ALA B 32 -10.21 -5.80 27.94
N ALA B 33 -9.80 -6.97 27.45
CA ALA B 33 -8.62 -7.05 26.58
C ALA B 33 -8.87 -6.34 25.27
N VAL B 34 -10.09 -6.42 24.74
CA VAL B 34 -10.40 -5.79 23.47
C VAL B 34 -10.44 -4.27 23.62
N LEU B 35 -10.98 -3.80 24.74
CA LEU B 35 -11.07 -2.37 25.01
C LEU B 35 -9.73 -1.81 25.47
N GLU B 36 -8.78 -2.68 25.79
CA GLU B 36 -7.51 -2.29 26.42
C GLU B 36 -7.75 -1.46 27.71
N VAL B 37 -8.51 -2.03 28.64
CA VAL B 37 -8.75 -1.44 29.95
C VAL B 37 -8.84 -2.54 31.01
N SER B 38 -8.88 -2.13 32.27
CA SER B 38 -8.99 -3.08 33.38
C SER B 38 -10.35 -3.80 33.33
N GLU B 39 -10.41 -5.01 33.91
CA GLU B 39 -11.67 -5.73 34.03
C GLU B 39 -12.66 -4.94 34.89
N LEU B 40 -12.12 -4.17 35.81
CA LEU B 40 -12.91 -3.34 36.70
C LEU B 40 -13.57 -2.26 35.89
N GLU B 41 -12.77 -1.56 35.09
CA GLU B 41 -13.28 -0.52 34.19
C GLU B 41 -14.32 -1.08 33.19
N ALA B 42 -13.99 -2.21 32.56
CA ALA B 42 -14.90 -2.82 31.61
C ALA B 42 -16.26 -3.11 32.26
N LYS B 43 -16.23 -3.65 33.48
CA LYS B 43 -17.46 -4.09 34.14
C LYS B 43 -18.41 -2.93 34.42
N ALA B 44 -17.85 -1.77 34.71
CA ALA B 44 -18.69 -0.57 34.81
C ALA B 44 -19.46 -0.40 33.50
N VAL B 45 -18.75 -0.36 32.38
CA VAL B 45 -19.38 -0.26 31.06
C VAL B 45 -20.45 -1.32 30.81
N ILE B 46 -20.13 -2.58 31.03
CA ILE B 46 -21.13 -3.65 30.92
C ILE B 46 -22.40 -3.38 31.73
N GLU B 47 -22.23 -2.91 32.97
CA GLU B 47 -23.35 -2.63 33.87
C GLU B 47 -24.22 -1.50 33.33
N GLU B 48 -23.58 -0.47 32.79
CA GLU B 48 -24.31 0.66 32.23
C GLU B 48 -25.12 0.20 31.02
N LEU B 49 -24.51 -0.64 30.20
CA LEU B 49 -25.18 -1.17 29.02
C LEU B 49 -26.33 -2.08 29.43
N GLN B 50 -26.08 -2.91 30.43
CA GLN B 50 -27.08 -3.84 30.94
C GLN B 50 -28.25 -3.07 31.53
N GLN B 51 -27.96 -1.92 32.14
CA GLN B 51 -28.98 -1.03 32.64
C GLN B 51 -29.82 -0.40 31.52
N ASP B 52 -29.16 0.03 30.44
CA ASP B 52 -29.87 0.60 29.28
C ASP B 52 -30.84 -0.40 28.63
N CYS B 53 -30.48 -1.68 28.65
CA CYS B 53 -31.27 -2.72 28.01
C CYS B 53 -32.33 -3.23 28.96
N ARG B 54 -32.76 -2.36 29.86
CA ARG B 54 -33.81 -2.73 30.80
C ARG B 54 -34.99 -1.80 30.59
N ARG B 55 -34.73 -0.69 29.91
CA ARG B 55 -35.79 0.11 29.33
C ARG B 55 -36.69 -0.78 28.46
N GLU B 56 -37.97 -0.41 28.38
CA GLU B 56 -38.97 -1.26 27.75
C GLU B 56 -38.82 -1.24 26.24
N GLU B 57 -38.20 -0.17 25.73
CA GLU B 57 -38.04 0.01 24.29
C GLU B 57 -37.00 -0.94 23.70
N ARG B 58 -36.26 -1.65 24.57
CA ARG B 58 -35.25 -2.60 24.12
C ARG B 58 -35.76 -4.02 24.12
N GLY B 59 -35.49 -4.74 23.03
CA GLY B 59 -35.97 -6.10 22.88
C GLY B 59 -34.96 -7.15 23.31
N ILE B 60 -33.74 -6.70 23.60
CA ILE B 60 -32.69 -7.60 24.09
C ILE B 60 -32.13 -7.19 25.45
N GLN B 61 -31.66 -8.17 26.22
CA GLN B 61 -31.07 -7.88 27.52
C GLN B 61 -29.66 -8.43 27.60
N LEU B 62 -28.88 -7.86 28.53
CA LEU B 62 -27.53 -8.34 28.79
C LEU B 62 -27.59 -9.21 30.04
N VAL B 63 -27.19 -10.47 29.90
CA VAL B 63 -27.19 -11.41 31.01
C VAL B 63 -25.79 -11.93 31.35
N GLU B 64 -25.57 -12.30 32.61
CA GLU B 64 -24.31 -12.92 33.06
C GLU B 64 -24.57 -14.35 33.50
N LEU B 65 -23.83 -15.31 32.95
CA LEU B 65 -24.13 -16.72 33.17
C LEU B 65 -22.91 -17.64 33.11
N GLY B 66 -22.04 -17.51 34.12
CA GLY B 66 -20.90 -18.39 34.25
C GLY B 66 -19.61 -17.66 33.97
N GLY B 67 -19.58 -16.38 34.35
CA GLY B 67 -18.49 -15.52 33.95
C GLY B 67 -18.57 -15.21 32.45
N VAL B 68 -19.72 -15.54 31.86
CA VAL B 68 -19.95 -15.27 30.47
C VAL B 68 -21.02 -14.19 30.32
N PHE B 69 -20.77 -13.20 29.45
CA PHE B 69 -21.75 -12.18 29.15
C PHE B 69 -22.29 -12.39 27.72
N LEU B 70 -23.61 -12.25 27.56
CA LEU B 70 -24.23 -12.35 26.25
C LEU B 70 -25.44 -11.45 26.15
N LEU B 71 -25.86 -11.16 24.92
CA LEU B 71 -27.12 -10.49 24.70
C LEU B 71 -28.13 -11.57 24.38
N ALA B 72 -29.36 -11.42 24.88
CA ALA B 72 -30.41 -12.38 24.58
C ALA B 72 -31.75 -11.67 24.41
N THR B 73 -32.69 -12.31 23.69
CA THR B 73 -34.04 -11.75 23.62
C THR B 73 -34.72 -11.90 24.99
N LYS B 74 -35.54 -10.92 25.34
CA LYS B 74 -36.31 -10.96 26.60
C LYS B 74 -37.42 -12.01 26.51
N LYS B 75 -37.85 -12.53 27.66
CA LYS B 75 -38.82 -13.62 27.64
C LYS B 75 -40.24 -13.14 27.35
N GLU B 76 -40.51 -11.88 27.69
CA GLU B 76 -41.78 -11.25 27.31
C GLU B 76 -42.06 -11.33 25.79
N HIS B 77 -41.00 -11.41 24.99
CA HIS B 77 -41.20 -11.40 23.55
C HIS B 77 -41.22 -12.81 22.96
N ALA B 78 -41.16 -13.82 23.81
CA ALA B 78 -41.21 -15.22 23.36
C ALA B 78 -42.42 -15.59 22.49
N PRO B 79 -43.63 -15.06 22.80
CA PRO B 79 -44.75 -15.44 21.90
C PRO B 79 -44.62 -14.92 20.48
N TYR B 80 -44.00 -13.76 20.31
CA TYR B 80 -43.77 -13.23 18.98
C TYR B 80 -42.75 -14.04 18.18
N LEU B 81 -41.80 -14.66 18.88
CA LEU B 81 -40.90 -15.63 18.24
C LEU B 81 -41.68 -16.87 17.80
N LYS B 82 -42.76 -17.18 18.52
CA LYS B 82 -43.65 -18.28 18.15
C LYS B 82 -44.37 -17.90 16.86
N LYS B 83 -44.94 -16.69 16.82
CA LYS B 83 -45.65 -16.20 15.64
C LYS B 83 -44.76 -16.15 14.42
N LEU B 84 -43.52 -15.73 14.61
CA LEU B 84 -42.55 -15.66 13.51
C LEU B 84 -42.37 -17.01 12.83
N VAL B 85 -42.14 -18.05 13.62
CA VAL B 85 -41.87 -19.38 13.08
C VAL B 85 -43.13 -20.12 12.63
N GLU B 86 -44.23 -19.92 13.35
CA GLU B 86 -45.51 -20.54 13.03
C GLU B 86 -46.13 -19.99 11.75
N ALA B 87 -46.35 -18.66 11.69
CA ALA B 87 -46.85 -18.00 10.48
C ALA B 87 -46.04 -18.45 9.27
N PRO B 88 -46.68 -19.25 8.38
CA PRO B 88 -46.00 -19.98 7.30
C PRO B 88 -45.12 -19.11 6.40
N GLY B 89 -43.81 -19.39 6.40
CA GLY B 89 -42.89 -18.64 5.56
C GLY B 89 -41.43 -19.00 5.71
N ALA B 90 -40.58 -17.98 5.73
CA ALA B 90 -39.12 -18.16 5.75
C ALA B 90 -38.52 -17.93 7.14
N SER B 91 -39.04 -18.65 8.14
CA SER B 91 -38.54 -18.56 9.52
C SER B 91 -37.04 -18.91 9.62
N PRO B 92 -36.42 -18.54 10.76
CA PRO B 92 -35.05 -18.99 11.04
C PRO B 92 -34.93 -20.52 11.15
N LEU B 93 -36.07 -21.23 11.17
CA LEU B 93 -36.08 -22.70 11.16
C LEU B 93 -35.88 -23.27 9.75
N SER B 94 -36.71 -22.82 8.81
CA SER B 94 -36.61 -23.23 7.41
C SER B 94 -35.18 -23.14 6.90
N GLN B 95 -34.49 -22.08 7.30
CA GLN B 95 -33.12 -21.83 6.86
C GLN B 95 -32.11 -22.76 7.52
N ALA B 96 -32.46 -23.27 8.69
CA ALA B 96 -31.64 -24.25 9.39
C ALA B 96 -31.77 -25.60 8.69
N ALA B 97 -32.91 -25.83 8.07
CA ALA B 97 -33.13 -27.04 7.28
C ALA B 97 -32.26 -27.03 6.02
N LEU B 98 -32.36 -25.94 5.26
CA LEU B 98 -31.60 -25.75 4.01
C LEU B 98 -30.12 -25.82 4.26
N GLU B 99 -29.70 -25.20 5.36
CA GLU B 99 -28.29 -25.12 5.71
C GLU B 99 -27.79 -26.55 5.88
N THR B 100 -28.58 -27.34 6.61
CA THR B 100 -28.22 -28.71 6.94
C THR B 100 -28.27 -29.58 5.69
N LEU B 101 -29.41 -29.57 5.02
CA LEU B 101 -29.60 -30.29 3.76
C LEU B 101 -28.46 -30.07 2.77
N ALA B 102 -28.04 -28.81 2.66
CA ALA B 102 -26.94 -28.40 1.78
C ALA B 102 -25.61 -29.04 2.15
N ILE B 103 -25.37 -29.19 3.45
CA ILE B 103 -24.12 -29.79 3.89
C ILE B 103 -24.13 -31.29 3.60
N ILE B 104 -25.31 -31.89 3.73
CA ILE B 104 -25.46 -33.29 3.41
C ILE B 104 -25.18 -33.50 1.93
N ALA B 105 -26.03 -32.95 1.08
CA ALA B 105 -25.94 -33.12 -0.37
C ALA B 105 -24.50 -33.01 -0.91
N TYR B 106 -23.75 -32.01 -0.47
CA TYR B 106 -22.39 -31.81 -0.97
C TYR B 106 -21.34 -32.62 -0.22
N ARG B 107 -21.74 -33.22 0.90
CA ARG B 107 -20.78 -33.93 1.74
C ARG B 107 -21.28 -35.29 2.24
N GLN B 108 -22.38 -35.77 1.66
CA GLN B 108 -22.89 -37.11 1.99
C GLN B 108 -21.91 -38.16 1.46
N PRO B 109 -21.81 -39.31 2.15
CA PRO B 109 -22.51 -39.68 3.41
C PRO B 109 -21.99 -38.94 4.65
N ILE B 110 -22.91 -38.48 5.49
CA ILE B 110 -22.56 -37.61 6.63
C ILE B 110 -23.35 -37.91 7.93
N THR B 111 -22.74 -37.64 9.08
CA THR B 111 -23.35 -37.92 10.38
C THR B 111 -23.45 -36.69 11.29
N ARG B 112 -24.54 -36.63 12.06
CA ARG B 112 -24.86 -35.51 12.97
C ARG B 112 -23.66 -34.94 13.76
N ALA B 113 -22.65 -35.76 13.99
CA ALA B 113 -21.38 -35.30 14.54
C ALA B 113 -20.67 -34.36 13.57
N GLU B 114 -20.50 -34.84 12.34
CA GLU B 114 -19.84 -34.08 11.26
C GLU B 114 -20.59 -32.80 10.82
N ILE B 115 -21.91 -32.90 10.66
CA ILE B 115 -22.78 -31.75 10.37
C ILE B 115 -22.64 -30.60 11.38
N GLU B 116 -22.96 -30.88 12.65
CA GLU B 116 -22.98 -29.86 13.69
C GLU B 116 -21.60 -29.27 13.96
N GLU B 117 -20.55 -29.99 13.56
CA GLU B 117 -19.19 -29.45 13.56
C GLU B 117 -19.11 -28.29 12.56
N ILE B 118 -19.74 -28.47 11.40
CA ILE B 118 -19.80 -27.44 10.36
C ILE B 118 -20.77 -26.31 10.70
N ARG B 119 -22.03 -26.64 10.99
CA ARG B 119 -23.04 -25.65 11.37
C ARG B 119 -22.69 -24.87 12.64
N GLY B 120 -22.09 -25.56 13.63
CA GLY B 120 -21.77 -24.96 14.91
C GLY B 120 -22.98 -24.85 15.82
N VAL B 121 -23.90 -25.82 15.71
CA VAL B 121 -25.16 -25.77 16.46
C VAL B 121 -25.92 -27.11 16.39
N LYS B 122 -26.68 -27.40 17.45
CA LYS B 122 -27.56 -28.57 17.50
C LYS B 122 -28.52 -28.64 16.30
N SER B 123 -28.20 -29.51 15.35
CA SER B 123 -29.03 -29.75 14.17
C SER B 123 -29.92 -30.95 14.42
N ASP B 124 -30.15 -31.25 15.69
CA ASP B 124 -31.03 -32.31 16.12
C ASP B 124 -32.42 -32.20 15.47
N LYS B 125 -32.97 -30.99 15.45
CA LYS B 125 -34.33 -30.75 14.93
C LYS B 125 -34.47 -30.62 13.39
N PRO B 126 -33.54 -29.91 12.73
CA PRO B 126 -33.55 -29.89 11.25
C PRO B 126 -33.60 -31.27 10.62
N LEU B 127 -32.73 -32.18 11.06
CA LEU B 127 -32.73 -33.57 10.60
C LEU B 127 -34.10 -34.23 10.77
N GLN B 128 -34.70 -34.08 11.95
CA GLN B 128 -36.02 -34.66 12.26
C GLN B 128 -37.12 -34.23 11.26
N THR B 129 -37.06 -32.99 10.77
CA THR B 129 -38.01 -32.52 9.78
C THR B 129 -37.53 -32.81 8.35
N LEU B 130 -36.24 -33.14 8.22
CA LEU B 130 -35.68 -33.52 6.91
C LEU B 130 -36.05 -34.96 6.54
N MET B 131 -36.43 -35.76 7.53
CA MET B 131 -36.98 -37.09 7.28
C MET B 131 -38.45 -36.99 6.90
N ALA B 132 -39.20 -36.20 7.65
CA ALA B 132 -40.65 -36.07 7.48
C ALA B 132 -41.08 -35.62 6.08
N ARG B 133 -40.39 -34.61 5.53
CA ARG B 133 -40.67 -34.13 4.18
C ARG B 133 -40.00 -35.04 3.12
N ALA B 134 -39.32 -36.07 3.61
CA ALA B 134 -38.63 -37.05 2.77
C ALA B 134 -37.66 -36.42 1.79
N LEU B 135 -36.52 -35.98 2.30
CA LEU B 135 -35.50 -35.34 1.47
C LEU B 135 -34.14 -35.89 1.88
N ILE B 136 -34.16 -36.71 2.92
CA ILE B 136 -32.95 -37.21 3.55
C ILE B 136 -33.27 -38.55 4.21
N LYS B 137 -32.24 -39.32 4.51
CA LYS B 137 -32.40 -40.66 5.08
C LYS B 137 -31.04 -41.18 5.56
N GLU B 138 -31.05 -42.35 6.22
CA GLU B 138 -29.80 -43.05 6.52
C GLU B 138 -29.22 -43.60 5.21
N VAL B 139 -27.91 -43.78 5.19
CA VAL B 139 -27.21 -44.36 4.05
C VAL B 139 -26.32 -45.47 4.63
N GLY B 140 -26.11 -45.38 5.95
CA GLY B 140 -25.37 -46.39 6.68
C GLY B 140 -24.96 -45.92 8.06
N ARG B 141 -23.92 -46.54 8.62
CA ARG B 141 -23.30 -46.08 9.87
C ARG B 141 -21.79 -46.18 9.71
N ALA B 142 -21.03 -45.66 10.70
CA ALA B 142 -19.57 -45.68 10.62
C ALA B 142 -18.96 -46.92 11.26
N GLU B 143 -19.82 -47.90 11.56
CA GLU B 143 -19.44 -49.18 12.18
C GLU B 143 -18.40 -49.02 13.30
N GLY B 144 -18.78 -48.31 14.35
CA GLY B 144 -17.87 -48.02 15.44
C GLY B 144 -18.45 -47.11 16.49
N THR B 145 -17.62 -46.19 16.98
CA THR B 145 -17.92 -45.35 18.14
C THR B 145 -19.35 -44.81 18.20
N GLY B 146 -20.26 -45.61 18.78
CA GLY B 146 -21.66 -45.24 18.91
C GLY B 146 -22.54 -45.73 17.77
N ARG B 147 -21.93 -46.39 16.79
CA ARG B 147 -22.58 -46.74 15.53
C ARG B 147 -23.29 -45.52 14.94
N PRO B 148 -22.51 -44.45 14.62
CA PRO B 148 -23.10 -43.15 14.32
C PRO B 148 -23.79 -43.10 12.96
N ILE B 149 -25.09 -42.80 12.96
CA ILE B 149 -25.95 -42.82 11.77
C ILE B 149 -25.40 -41.96 10.63
N LEU B 150 -25.23 -42.55 9.46
CA LEU B 150 -24.75 -41.81 8.28
C LEU B 150 -25.92 -41.37 7.39
N TYR B 151 -26.10 -40.05 7.29
CA TYR B 151 -27.21 -39.47 6.52
C TYR B 151 -26.83 -39.22 5.05
N GLY B 152 -27.85 -39.08 4.20
CA GLY B 152 -27.63 -38.86 2.78
C GLY B 152 -28.90 -38.42 2.06
N THR B 153 -28.75 -38.05 0.79
CA THR B 153 -29.89 -37.57 0.01
C THR B 153 -30.69 -38.69 -0.65
N THR B 154 -32.01 -38.57 -0.57
CA THR B 154 -32.92 -39.51 -1.23
C THR B 154 -32.99 -39.23 -2.73
N PRO B 155 -33.56 -40.18 -3.48
CA PRO B 155 -33.95 -39.90 -4.87
C PRO B 155 -35.26 -39.10 -4.96
N GLU B 156 -35.94 -38.91 -3.83
CA GLU B 156 -37.13 -38.07 -3.75
C GLU B 156 -36.69 -36.61 -3.52
N PHE B 157 -35.39 -36.45 -3.27
CA PHE B 157 -34.75 -35.15 -3.11
C PHE B 157 -34.23 -34.68 -4.47
N LEU B 158 -33.72 -35.62 -5.27
CA LEU B 158 -33.26 -35.32 -6.62
C LEU B 158 -34.42 -34.78 -7.43
N ASP B 159 -35.61 -35.31 -7.17
CA ASP B 159 -36.82 -34.92 -7.89
C ASP B 159 -37.29 -33.53 -7.47
N TYR B 160 -37.41 -33.34 -6.16
CA TYR B 160 -37.91 -32.08 -5.59
C TYR B 160 -37.20 -30.84 -6.12
N PHE B 161 -35.92 -30.97 -6.42
CA PHE B 161 -35.12 -29.83 -6.87
C PHE B 161 -34.91 -29.80 -8.39
N GLY B 162 -35.61 -30.68 -9.09
CA GLY B 162 -35.52 -30.72 -10.54
C GLY B 162 -34.19 -31.25 -11.06
N LEU B 163 -33.53 -32.09 -10.25
CA LEU B 163 -32.26 -32.68 -10.64
C LEU B 163 -32.49 -34.10 -11.16
N LYS B 164 -31.60 -34.56 -12.04
CA LYS B 164 -31.71 -35.92 -12.55
C LYS B 164 -30.67 -36.81 -11.88
N THR B 165 -29.48 -36.26 -11.66
CA THR B 165 -28.44 -36.94 -10.88
C THR B 165 -27.78 -35.99 -9.88
N LEU B 166 -26.93 -36.56 -9.04
CA LEU B 166 -26.19 -35.80 -8.03
C LEU B 166 -25.01 -35.06 -8.66
N GLU B 167 -24.62 -35.51 -9.86
CA GLU B 167 -23.54 -34.92 -10.63
C GLU B 167 -23.87 -33.48 -11.04
N GLU B 168 -25.16 -33.23 -11.21
CA GLU B 168 -25.69 -31.94 -11.67
C GLU B 168 -25.79 -30.85 -10.58
N LEU B 169 -25.09 -31.07 -9.46
CA LEU B 169 -24.99 -30.05 -8.41
C LEU B 169 -23.90 -29.06 -8.80
N PRO B 170 -24.21 -27.76 -8.68
CA PRO B 170 -23.20 -26.73 -8.99
C PRO B 170 -21.94 -26.97 -8.17
N PRO B 171 -20.81 -27.27 -8.84
CA PRO B 171 -19.55 -27.57 -8.15
C PRO B 171 -19.06 -26.42 -7.27
N LEU B 172 -18.44 -26.72 -6.13
CA LEU B 172 -17.93 -25.67 -5.25
C LEU B 172 -16.41 -25.59 -5.25
N PRO B 173 -15.85 -24.65 -6.04
CA PRO B 173 -14.40 -24.56 -6.21
C PRO B 173 -13.68 -24.14 -4.94
N GLU B 174 -14.32 -23.31 -4.12
CA GLU B 174 -13.68 -22.80 -2.90
C GLU B 174 -13.63 -23.80 -1.72
N TRP B 175 -14.55 -24.77 -1.72
CA TRP B 175 -14.46 -25.94 -0.84
C TRP B 175 -13.51 -27.00 -1.43
N LEU C 7 -45.41 3.61 20.61
CA LEU C 7 -44.71 2.87 19.55
C LEU C 7 -43.53 2.06 20.12
N LYS C 8 -43.30 2.21 21.42
CA LYS C 8 -42.21 1.52 22.14
C LYS C 8 -42.26 -0.02 22.22
N PRO C 9 -43.44 -0.63 22.45
CA PRO C 9 -43.34 -2.09 22.57
C PRO C 9 -43.16 -2.73 21.20
N ALA C 10 -43.64 -2.09 20.15
CA ALA C 10 -43.53 -2.64 18.81
C ALA C 10 -42.07 -2.67 18.40
N LYS C 11 -41.34 -1.60 18.69
CA LYS C 11 -39.95 -1.54 18.30
C LYS C 11 -39.08 -2.48 19.11
N ALA C 12 -39.48 -2.77 20.35
CA ALA C 12 -38.76 -3.76 21.14
C ALA C 12 -38.94 -5.14 20.50
N ILE C 13 -40.16 -5.42 20.06
CA ILE C 13 -40.46 -6.69 19.42
C ILE C 13 -39.66 -6.89 18.14
N VAL C 14 -39.56 -5.85 17.33
CA VAL C 14 -38.84 -5.93 16.05
C VAL C 14 -37.35 -6.12 16.32
N GLU C 15 -36.87 -5.47 17.37
CA GLU C 15 -35.49 -5.64 17.77
C GLU C 15 -35.25 -7.10 18.14
N ALA C 16 -36.15 -7.68 18.91
CA ALA C 16 -36.02 -9.07 19.32
C ALA C 16 -36.06 -10.01 18.11
N LEU C 17 -37.00 -9.75 17.21
CA LEU C 17 -37.17 -10.54 16.00
C LEU C 17 -35.95 -10.50 15.08
N LEU C 18 -35.44 -9.28 14.85
CA LEU C 18 -34.26 -9.13 14.00
C LEU C 18 -33.02 -9.77 14.61
N PHE C 19 -32.93 -9.70 15.95
CA PHE C 19 -31.80 -10.26 16.69
C PHE C 19 -31.81 -11.77 16.54
N ALA C 20 -32.97 -12.38 16.67
CA ALA C 20 -33.10 -13.83 16.53
C ALA C 20 -32.99 -14.31 15.08
N ALA C 21 -33.25 -13.40 14.13
CA ALA C 21 -33.17 -13.74 12.71
C ALA C 21 -31.71 -13.72 12.28
N GLY C 22 -30.91 -12.93 12.98
CA GLY C 22 -29.49 -12.82 12.66
C GLY C 22 -29.15 -12.43 11.24
N ASP C 23 -28.22 -13.18 10.63
CA ASP C 23 -27.65 -12.78 9.34
C ASP C 23 -28.59 -13.08 8.16
N GLU C 24 -29.67 -13.80 8.43
CA GLU C 24 -30.72 -14.01 7.43
C GLU C 24 -31.67 -12.83 7.31
N GLY C 25 -31.93 -12.15 8.41
CA GLY C 25 -32.80 -10.98 8.38
C GLY C 25 -34.27 -11.34 8.29
N LEU C 26 -35.12 -10.33 8.23
CA LEU C 26 -36.55 -10.52 8.02
C LEU C 26 -37.03 -9.58 6.92
N SER C 27 -38.01 -10.02 6.14
CA SER C 27 -38.65 -9.11 5.19
C SER C 27 -39.74 -8.28 5.91
N LEU C 28 -40.05 -7.11 5.35
CA LEU C 28 -41.13 -6.28 5.83
C LEU C 28 -42.46 -7.02 6.05
N SER C 29 -42.86 -7.89 5.13
CA SER C 29 -44.08 -8.66 5.33
C SER C 29 -43.99 -9.58 6.54
N GLN C 30 -42.89 -10.31 6.66
CA GLN C 30 -42.63 -11.13 7.85
C GLN C 30 -42.77 -10.33 9.16
N ILE C 31 -42.21 -9.12 9.17
CA ILE C 31 -42.27 -8.28 10.36
C ILE C 31 -43.70 -7.80 10.59
N ALA C 32 -44.38 -7.40 9.52
CA ALA C 32 -45.77 -6.98 9.61
C ALA C 32 -46.66 -8.12 10.12
N ALA C 33 -46.39 -9.33 9.63
CA ALA C 33 -47.19 -10.49 9.98
C ALA C 33 -47.08 -10.88 11.46
N VAL C 34 -45.94 -10.63 12.08
CA VAL C 34 -45.76 -10.94 13.49
C VAL C 34 -46.43 -9.88 14.34
N LEU C 35 -46.26 -8.61 13.95
CA LEU C 35 -46.86 -7.49 14.68
C LEU C 35 -48.35 -7.38 14.42
N GLU C 36 -48.82 -8.13 13.41
CA GLU C 36 -50.20 -8.06 12.94
C GLU C 36 -50.58 -6.61 12.59
N VAL C 37 -49.80 -6.00 11.71
CA VAL C 37 -50.07 -4.65 11.24
C VAL C 37 -49.76 -4.60 9.75
N SER C 38 -50.11 -3.49 9.11
CA SER C 38 -49.74 -3.26 7.72
C SER C 38 -48.22 -3.12 7.57
N GLU C 39 -47.72 -3.35 6.37
CA GLU C 39 -46.31 -3.19 6.12
C GLU C 39 -45.88 -1.75 6.31
N LEU C 40 -46.76 -0.82 5.98
CA LEU C 40 -46.44 0.60 6.14
C LEU C 40 -46.31 0.98 7.63
N GLU C 41 -47.03 0.25 8.48
CA GLU C 41 -46.94 0.46 9.92
C GLU C 41 -45.65 -0.16 10.45
N ALA C 42 -45.31 -1.35 9.96
CA ALA C 42 -44.07 -2.02 10.32
C ALA C 42 -42.87 -1.13 9.97
N LYS C 43 -42.92 -0.55 8.78
CA LYS C 43 -41.86 0.31 8.29
C LYS C 43 -41.64 1.50 9.22
N ALA C 44 -42.72 2.07 9.73
CA ALA C 44 -42.59 3.24 10.61
C ALA C 44 -41.86 2.86 11.90
N VAL C 45 -42.10 1.62 12.36
CA VAL C 45 -41.46 1.08 13.55
C VAL C 45 -39.96 0.85 13.33
N ILE C 46 -39.66 0.16 12.22
CA ILE C 46 -38.30 -0.03 11.75
C ILE C 46 -37.56 1.29 11.62
N GLU C 47 -38.19 2.26 10.96
CA GLU C 47 -37.56 3.57 10.74
C GLU C 47 -37.26 4.31 12.05
N GLU C 48 -38.06 4.05 13.08
CA GLU C 48 -37.86 4.67 14.39
C GLU C 48 -36.72 3.96 15.07
N LEU C 49 -36.72 2.64 14.94
CA LEU C 49 -35.68 1.79 15.49
C LEU C 49 -34.32 2.22 14.91
N GLN C 50 -34.27 2.38 13.59
CA GLN C 50 -33.06 2.89 12.92
C GLN C 50 -32.59 4.18 13.54
N GLN C 51 -33.50 5.13 13.74
CA GLN C 51 -33.14 6.41 14.33
C GLN C 51 -32.54 6.23 15.73
N ASP C 52 -33.15 5.38 16.55
CA ASP C 52 -32.61 5.08 17.88
C ASP C 52 -31.17 4.57 17.81
N CYS C 53 -30.89 3.72 16.83
CA CYS C 53 -29.56 3.15 16.66
C CYS C 53 -28.53 4.14 16.14
N ARG C 54 -28.97 5.31 15.69
CA ARG C 54 -28.04 6.26 15.09
C ARG C 54 -27.27 7.06 16.13
N ARG C 55 -27.80 7.10 17.36
CA ARG C 55 -27.08 7.68 18.48
C ARG C 55 -25.67 7.10 18.55
N GLU C 56 -24.70 7.94 18.85
CA GLU C 56 -23.30 7.54 18.85
C GLU C 56 -23.06 6.49 19.93
N GLU C 57 -24.01 6.41 20.84
CA GLU C 57 -23.93 5.59 22.04
C GLU C 57 -24.27 4.12 21.72
N ARG C 58 -24.88 3.90 20.56
CA ARG C 58 -25.32 2.57 20.16
C ARG C 58 -24.31 1.84 19.26
N GLY C 59 -24.13 0.55 19.52
CA GLY C 59 -23.15 -0.23 18.78
C GLY C 59 -23.66 -0.97 17.55
N ILE C 60 -24.96 -1.22 17.49
CA ILE C 60 -25.54 -1.88 16.33
C ILE C 60 -26.49 -0.98 15.54
N GLN C 61 -26.72 -1.33 14.29
CA GLN C 61 -27.54 -0.50 13.43
C GLN C 61 -28.45 -1.42 12.67
N LEU C 62 -29.53 -0.88 12.12
CA LEU C 62 -30.49 -1.69 11.39
C LEU C 62 -30.30 -1.32 9.93
N VAL C 63 -29.99 -2.28 9.09
CA VAL C 63 -29.80 -1.98 7.68
C VAL C 63 -30.74 -2.78 6.80
N GLU C 64 -30.96 -2.28 5.59
CA GLU C 64 -31.81 -2.95 4.63
C GLU C 64 -30.95 -3.45 3.46
N LEU C 65 -30.73 -4.75 3.43
CA LEU C 65 -29.88 -5.35 2.41
C LEU C 65 -30.60 -6.52 1.71
N GLY C 66 -30.79 -6.37 0.41
CA GLY C 66 -31.27 -7.48 -0.39
C GLY C 66 -32.68 -7.93 -0.08
N GLY C 67 -33.58 -6.99 0.20
CA GLY C 67 -34.97 -7.36 0.43
C GLY C 67 -35.31 -7.74 1.88
N VAL C 68 -34.30 -7.75 2.74
CA VAL C 68 -34.55 -7.96 4.16
C VAL C 68 -33.92 -6.89 5.03
N PHE C 69 -34.40 -6.82 6.27
CA PHE C 69 -33.83 -5.94 7.29
C PHE C 69 -33.01 -6.80 8.24
N LEU C 70 -31.89 -6.28 8.71
CA LEU C 70 -31.10 -7.03 9.69
C LEU C 70 -30.28 -6.14 10.63
N LEU C 71 -29.96 -6.67 11.80
CA LEU C 71 -29.05 -5.96 12.67
C LEU C 71 -27.59 -6.28 12.32
N ALA C 72 -26.75 -5.24 12.26
CA ALA C 72 -25.30 -5.39 12.09
C ALA C 72 -24.53 -4.40 12.98
N THR C 73 -23.24 -4.66 13.21
CA THR C 73 -22.43 -3.70 13.94
C THR C 73 -22.15 -2.47 13.07
N LYS C 74 -21.80 -1.36 13.70
CA LYS C 74 -21.39 -0.19 12.94
C LYS C 74 -19.94 -0.39 12.48
N LYS C 75 -19.56 0.25 11.36
CA LYS C 75 -18.25 0.03 10.77
C LYS C 75 -17.10 0.57 11.62
N GLU C 76 -17.37 1.61 12.41
CA GLU C 76 -16.34 2.18 13.26
C GLU C 76 -15.81 1.19 14.28
N HIS C 77 -16.53 0.11 14.53
CA HIS C 77 -16.14 -0.79 15.62
C HIS C 77 -15.35 -1.96 15.10
N ALA C 78 -15.18 -2.01 13.79
CA ALA C 78 -14.54 -3.13 13.13
C ALA C 78 -13.12 -3.47 13.64
N PRO C 79 -12.28 -2.44 13.91
CA PRO C 79 -10.96 -2.76 14.48
C PRO C 79 -11.03 -3.49 15.83
N TYR C 80 -12.02 -3.18 16.67
CA TYR C 80 -12.19 -3.97 17.90
C TYR C 80 -12.68 -5.39 17.66
N LEU C 81 -13.68 -5.56 16.79
CA LEU C 81 -14.23 -6.89 16.49
C LEU C 81 -13.17 -7.82 15.88
N LYS C 82 -12.29 -7.28 15.05
CA LYS C 82 -11.23 -8.07 14.40
C LYS C 82 -10.27 -8.75 15.36
N LYS C 83 -10.02 -8.08 16.49
CA LYS C 83 -9.19 -8.63 17.56
C LYS C 83 -9.69 -9.96 18.12
N LEU C 84 -11.00 -10.26 17.97
CA LEU C 84 -11.58 -11.53 18.44
C LEU C 84 -11.78 -12.59 17.34
N VAL C 85 -11.44 -12.26 16.10
CA VAL C 85 -11.57 -13.19 14.99
C VAL C 85 -10.48 -14.26 14.94
N GLU C 86 -10.86 -15.50 15.18
CA GLU C 86 -10.02 -16.65 14.83
C GLU C 86 -10.22 -17.03 13.36
N ALA C 87 -11.48 -17.27 12.98
CA ALA C 87 -11.81 -17.70 11.61
C ALA C 87 -12.45 -16.59 10.77
N PRO C 88 -11.77 -16.21 9.66
CA PRO C 88 -12.09 -15.04 8.83
C PRO C 88 -13.35 -15.17 7.96
N GLY C 89 -13.81 -16.39 7.68
CA GLY C 89 -14.93 -16.55 6.77
C GLY C 89 -14.49 -16.45 5.30
N ALA C 90 -15.40 -16.02 4.43
CA ALA C 90 -15.13 -16.06 2.98
C ALA C 90 -14.00 -15.14 2.48
N SER C 91 -13.13 -15.69 1.62
CA SER C 91 -12.09 -14.89 0.97
C SER C 91 -12.76 -13.88 0.06
N PRO C 92 -12.13 -12.71 -0.10
CA PRO C 92 -12.60 -11.76 -1.12
C PRO C 92 -12.50 -12.36 -2.52
N LEU C 93 -13.41 -11.95 -3.40
CA LEU C 93 -13.44 -12.47 -4.76
C LEU C 93 -12.14 -12.19 -5.55
N SER C 94 -11.78 -13.11 -6.43
CA SER C 94 -10.70 -12.88 -7.40
C SER C 94 -11.03 -11.70 -8.31
N GLN C 95 -10.04 -11.11 -8.99
CA GLN C 95 -10.36 -10.07 -9.96
C GLN C 95 -11.19 -10.62 -11.12
N ALA C 96 -10.89 -11.82 -11.57
CA ALA C 96 -11.70 -12.43 -12.63
C ALA C 96 -13.18 -12.57 -12.24
N ALA C 97 -13.45 -13.07 -11.03
CA ALA C 97 -14.83 -13.22 -10.56
C ALA C 97 -15.49 -11.85 -10.46
N LEU C 98 -14.74 -10.87 -9.99
CA LEU C 98 -15.27 -9.55 -9.72
C LEU C 98 -15.60 -8.82 -11.02
N GLU C 99 -14.72 -8.95 -12.01
CA GLU C 99 -15.01 -8.35 -13.31
C GLU C 99 -16.14 -9.08 -14.04
N THR C 100 -16.17 -10.41 -13.95
CA THR C 100 -17.32 -11.13 -14.48
C THR C 100 -18.62 -10.65 -13.80
N LEU C 101 -18.57 -10.46 -12.49
CA LEU C 101 -19.77 -10.08 -11.74
C LEU C 101 -20.22 -8.66 -12.04
N ALA C 102 -19.27 -7.73 -12.21
CA ALA C 102 -19.65 -6.36 -12.55
C ALA C 102 -20.43 -6.36 -13.86
N ILE C 103 -19.92 -7.14 -14.82
CA ILE C 103 -20.54 -7.22 -16.12
C ILE C 103 -21.97 -7.75 -15.99
N ILE C 104 -22.16 -8.85 -15.29
CA ILE C 104 -23.50 -9.39 -15.11
C ILE C 104 -24.38 -8.40 -14.33
N ALA C 105 -23.82 -7.74 -13.32
CA ALA C 105 -24.59 -6.78 -12.53
C ALA C 105 -25.23 -5.68 -13.37
N TYR C 106 -24.43 -5.11 -14.25
CA TYR C 106 -24.87 -4.00 -15.07
C TYR C 106 -25.56 -4.41 -16.38
N ARG C 107 -25.25 -5.58 -16.92
CA ARG C 107 -25.75 -5.98 -18.24
C ARG C 107 -26.75 -7.15 -18.27
N GLN C 108 -27.05 -7.73 -17.11
CA GLN C 108 -28.04 -8.81 -17.05
C GLN C 108 -29.36 -8.43 -17.69
N PRO C 109 -30.07 -9.44 -18.24
CA PRO C 109 -29.57 -10.82 -18.40
C PRO C 109 -28.56 -10.87 -19.55
N ILE C 110 -27.53 -11.70 -19.41
CA ILE C 110 -26.40 -11.70 -20.33
C ILE C 110 -25.89 -13.14 -20.43
N THR C 111 -25.25 -13.49 -21.56
CA THR C 111 -24.86 -14.88 -21.84
C THR C 111 -23.38 -15.08 -21.60
N ARG C 112 -22.92 -16.34 -21.53
CA ARG C 112 -21.47 -16.55 -21.38
C ARG C 112 -20.70 -15.86 -22.52
N ALA C 113 -21.21 -15.97 -23.75
CA ALA C 113 -20.55 -15.39 -24.94
C ALA C 113 -20.34 -13.89 -24.81
N GLU C 114 -21.37 -13.15 -24.45
CA GLU C 114 -21.26 -11.70 -24.31
C GLU C 114 -20.24 -11.35 -23.21
N ILE C 115 -20.24 -12.10 -22.11
CA ILE C 115 -19.24 -11.92 -21.08
C ILE C 115 -17.81 -12.13 -21.64
N GLU C 116 -17.61 -13.22 -22.37
CA GLU C 116 -16.30 -13.52 -22.91
C GLU C 116 -15.87 -12.50 -23.94
N GLU C 117 -16.85 -11.85 -24.56
CA GLU C 117 -16.59 -10.84 -25.57
C GLU C 117 -16.00 -9.60 -24.91
N ILE C 118 -16.59 -9.22 -23.79
CA ILE C 118 -16.12 -8.04 -23.05
C ILE C 118 -14.75 -8.27 -22.39
N ARG C 119 -14.57 -9.40 -21.72
CA ARG C 119 -13.34 -9.72 -21.01
C ARG C 119 -12.20 -10.12 -21.95
N GLY C 120 -12.54 -10.79 -23.04
CA GLY C 120 -11.54 -11.26 -23.96
C GLY C 120 -10.87 -12.55 -23.54
N VAL C 121 -11.48 -13.28 -22.61
CA VAL C 121 -10.94 -14.56 -22.15
C VAL C 121 -12.07 -15.44 -21.73
N LYS C 122 -11.84 -16.75 -21.67
CA LYS C 122 -12.90 -17.68 -21.30
C LYS C 122 -13.32 -17.48 -19.86
N SER C 123 -14.62 -17.46 -19.62
CA SER C 123 -15.12 -17.06 -18.32
C SER C 123 -15.86 -18.13 -17.55
N ASP C 124 -15.55 -19.40 -17.83
CA ASP C 124 -16.22 -20.50 -17.17
C ASP C 124 -15.89 -20.60 -15.71
N LYS C 125 -14.61 -20.47 -15.40
CA LYS C 125 -14.21 -20.50 -13.99
C LYS C 125 -14.90 -19.44 -13.13
N PRO C 126 -14.78 -18.15 -13.48
CA PRO C 126 -15.44 -17.20 -12.57
C PRO C 126 -16.96 -17.40 -12.45
N LEU C 127 -17.63 -17.77 -13.53
CA LEU C 127 -19.06 -18.03 -13.51
C LEU C 127 -19.35 -19.14 -12.52
N GLN C 128 -18.50 -20.15 -12.52
CA GLN C 128 -18.64 -21.28 -11.61
C GLN C 128 -18.48 -20.79 -10.15
N THR C 129 -17.43 -20.00 -9.92
CA THR C 129 -17.21 -19.36 -8.63
C THR C 129 -18.41 -18.55 -8.16
N LEU C 130 -18.97 -17.73 -9.03
CA LEU C 130 -20.07 -16.86 -8.63
C LEU C 130 -21.33 -17.68 -8.33
N MET C 131 -21.60 -18.70 -9.12
CA MET C 131 -22.77 -19.56 -8.92
C MET C 131 -22.75 -20.22 -7.54
N ALA C 132 -21.58 -20.74 -7.19
CA ALA C 132 -21.39 -21.48 -5.95
C ALA C 132 -21.50 -20.56 -4.74
N ARG C 133 -21.25 -19.27 -4.95
CA ARG C 133 -21.44 -18.26 -3.90
C ARG C 133 -22.81 -17.63 -3.93
N ALA C 134 -23.69 -18.19 -4.78
CA ALA C 134 -25.05 -17.70 -4.95
C ALA C 134 -25.16 -16.20 -5.24
N LEU C 135 -24.15 -15.65 -5.92
CA LEU C 135 -24.15 -14.23 -6.26
C LEU C 135 -24.80 -13.99 -7.63
N ILE C 136 -24.85 -15.04 -8.45
CA ILE C 136 -25.55 -15.01 -9.71
C ILE C 136 -26.36 -16.31 -9.87
N LYS C 137 -27.36 -16.30 -10.75
CA LYS C 137 -28.13 -17.51 -11.05
C LYS C 137 -28.53 -17.51 -12.52
N GLU C 138 -28.96 -18.66 -13.03
CA GLU C 138 -29.50 -18.71 -14.40
C GLU C 138 -30.87 -18.03 -14.39
N VAL C 139 -31.06 -17.07 -15.29
CA VAL C 139 -32.34 -16.37 -15.34
C VAL C 139 -33.09 -16.63 -16.65
N GLY C 140 -32.77 -17.73 -17.31
CA GLY C 140 -33.47 -18.11 -18.53
C GLY C 140 -32.53 -18.43 -19.67
N ARG C 141 -33.10 -18.61 -20.85
CA ARG C 141 -32.30 -18.90 -22.04
C ARG C 141 -32.61 -17.85 -23.09
N ALA C 142 -31.61 -17.46 -23.88
CA ALA C 142 -31.86 -16.51 -24.96
C ALA C 142 -32.56 -17.23 -26.11
N GLU C 143 -33.24 -16.47 -26.94
CA GLU C 143 -33.96 -17.02 -28.08
C GLU C 143 -33.10 -16.84 -29.31
N GLY C 144 -32.37 -17.89 -29.66
CA GLY C 144 -31.39 -17.83 -30.72
C GLY C 144 -30.93 -19.26 -30.96
N THR C 145 -30.02 -19.45 -31.90
CA THR C 145 -29.72 -20.79 -32.38
C THR C 145 -29.26 -21.73 -31.25
N GLY C 146 -28.30 -21.27 -30.45
CA GLY C 146 -27.73 -22.14 -29.44
C GLY C 146 -28.50 -22.21 -28.12
N ARG C 147 -29.62 -21.51 -28.02
CA ARG C 147 -30.35 -21.30 -26.76
C ARG C 147 -29.46 -21.13 -25.51
N PRO C 148 -28.51 -20.16 -25.55
CA PRO C 148 -27.51 -20.04 -24.48
C PRO C 148 -28.11 -19.51 -23.20
N ILE C 149 -27.64 -20.03 -22.06
CA ILE C 149 -28.08 -19.57 -20.72
C ILE C 149 -27.84 -18.06 -20.48
N LEU C 150 -28.80 -17.43 -19.83
CA LEU C 150 -28.65 -16.04 -19.39
C LEU C 150 -28.35 -16.01 -17.89
N TYR C 151 -27.48 -15.09 -17.49
CA TYR C 151 -27.09 -14.96 -16.08
C TYR C 151 -27.64 -13.67 -15.52
N GLY C 152 -28.06 -13.71 -14.27
CA GLY C 152 -28.44 -12.51 -13.56
C GLY C 152 -27.95 -12.54 -12.12
N THR C 153 -28.09 -11.42 -11.41
CA THR C 153 -27.69 -11.35 -10.01
C THR C 153 -28.81 -11.74 -9.01
N THR C 154 -28.39 -12.03 -7.78
CA THR C 154 -29.26 -12.59 -6.74
C THR C 154 -29.47 -11.57 -5.61
N PRO C 155 -30.39 -11.84 -4.65
CA PRO C 155 -30.44 -10.99 -3.45
C PRO C 155 -29.17 -11.10 -2.64
N GLU C 156 -28.62 -12.30 -2.55
CA GLU C 156 -27.30 -12.51 -1.95
C GLU C 156 -26.26 -11.54 -2.55
N PHE C 157 -26.35 -11.28 -3.85
CA PHE C 157 -25.44 -10.31 -4.48
C PHE C 157 -25.58 -8.92 -3.84
N LEU C 158 -26.82 -8.53 -3.57
CA LEU C 158 -27.08 -7.22 -2.98
C LEU C 158 -26.50 -7.13 -1.59
N ASP C 159 -26.81 -8.14 -0.76
CA ASP C 159 -26.29 -8.26 0.59
C ASP C 159 -24.76 -8.17 0.62
N TYR C 160 -24.12 -8.97 -0.22
CA TYR C 160 -22.66 -9.05 -0.24
C TYR C 160 -21.97 -7.73 -0.60
N PHE C 161 -22.68 -6.84 -1.28
CA PHE C 161 -22.10 -5.54 -1.63
C PHE C 161 -22.79 -4.33 -1.03
N GLY C 162 -23.54 -4.54 0.05
CA GLY C 162 -24.10 -3.42 0.80
C GLY C 162 -25.19 -2.68 0.07
N LEU C 163 -25.85 -3.38 -0.86
CA LEU C 163 -26.85 -2.76 -1.74
C LEU C 163 -28.28 -2.99 -1.26
N LYS C 164 -29.06 -1.93 -1.19
CA LYS C 164 -30.48 -2.08 -0.88
C LYS C 164 -31.17 -2.73 -2.07
N THR C 165 -30.83 -2.28 -3.28
CA THR C 165 -31.43 -2.78 -4.50
C THR C 165 -30.47 -2.49 -5.65
N LEU C 166 -30.66 -3.11 -6.82
CA LEU C 166 -29.75 -2.87 -7.96
C LEU C 166 -29.69 -1.41 -8.38
N GLU C 167 -30.76 -0.67 -8.13
CA GLU C 167 -30.81 0.75 -8.45
C GLU C 167 -29.73 1.55 -7.72
N GLU C 168 -29.25 1.00 -6.62
CA GLU C 168 -28.22 1.66 -5.82
C GLU C 168 -26.82 1.50 -6.40
N LEU C 169 -26.68 0.71 -7.47
CA LEU C 169 -25.36 0.52 -8.09
C LEU C 169 -24.81 1.85 -8.54
N PRO C 170 -23.48 2.02 -8.39
CA PRO C 170 -22.80 3.23 -8.88
C PRO C 170 -22.98 3.32 -10.39
N PRO C 171 -23.12 4.53 -10.93
CA PRO C 171 -23.34 4.56 -12.39
C PRO C 171 -22.09 4.15 -13.18
N LEU C 172 -22.29 3.70 -14.40
CA LEU C 172 -21.19 3.21 -15.22
C LEU C 172 -20.45 4.40 -15.85
N PRO C 173 -19.11 4.42 -15.73
CA PRO C 173 -18.25 5.52 -16.25
C PRO C 173 -18.60 6.03 -17.65
N GLU D 12 23.71 43.87 3.97
CA GLU D 12 23.29 42.52 3.59
C GLU D 12 22.97 41.62 4.80
N ALA D 13 22.93 40.31 4.58
CA ALA D 13 22.59 39.34 5.64
C ALA D 13 23.78 38.44 6.01
N PHE D 14 24.10 38.38 7.30
CA PHE D 14 25.28 37.65 7.79
C PHE D 14 24.87 36.49 8.70
N GLU D 15 25.80 35.60 9.02
CA GLU D 15 25.46 34.46 9.89
C GLU D 15 25.75 34.74 11.37
N GLY D 16 25.30 35.90 11.85
CA GLY D 16 25.56 36.30 13.23
C GLY D 16 26.74 37.27 13.37
N PRO D 17 26.98 37.74 14.61
CA PRO D 17 27.96 38.77 14.97
C PRO D 17 29.39 38.32 14.72
N LEU D 18 29.69 37.07 15.04
CA LEU D 18 31.02 36.52 14.76
C LEU D 18 31.28 36.44 13.25
N ASP D 19 30.23 36.37 12.46
CA ASP D 19 30.37 36.35 11.02
C ASP D 19 30.69 37.77 10.54
N LEU D 20 29.80 38.70 10.88
CA LEU D 20 30.03 40.15 10.72
C LEU D 20 31.43 40.60 11.16
N LEU D 21 31.85 40.20 12.35
CA LEU D 21 33.18 40.55 12.80
C LEU D 21 34.26 39.95 11.89
N LEU D 22 34.08 38.70 11.45
CA LEU D 22 35.07 38.06 10.60
C LEU D 22 35.15 38.70 9.22
N HIS D 23 34.03 39.27 8.77
CA HIS D 23 33.97 40.04 7.54
C HIS D 23 34.76 41.36 7.65
N LEU D 24 34.50 42.12 8.73
CA LEU D 24 35.20 43.37 8.98
C LEU D 24 36.70 43.16 9.11
N ILE D 25 37.11 42.13 9.84
CA ILE D 25 38.53 41.79 9.97
C ILE D 25 39.18 41.58 8.61
N ASN D 26 38.52 40.79 7.77
CA ASN D 26 38.97 40.50 6.40
C ASN D 26 39.08 41.77 5.55
N ARG D 27 38.00 42.55 5.54
CA ARG D 27 37.90 43.78 4.76
C ARG D 27 38.97 44.84 5.11
N TYR D 28 39.34 44.95 6.39
CA TYR D 28 40.39 45.92 6.77
C TYR D 28 41.73 45.29 7.13
N GLU D 29 42.00 44.10 6.60
CA GLU D 29 43.29 43.41 6.79
C GLU D 29 43.79 43.51 8.24
N ILE D 30 42.98 43.01 9.17
CA ILE D 30 43.28 43.08 10.59
C ILE D 30 43.96 41.79 11.04
N ASP D 31 45.01 41.91 11.84
CA ASP D 31 45.59 40.74 12.49
C ASP D 31 44.57 40.32 13.53
N ILE D 32 44.01 39.11 13.37
CA ILE D 32 43.00 38.59 14.28
C ILE D 32 43.58 38.39 15.68
N TYR D 33 44.90 38.23 15.73
CA TYR D 33 45.60 38.03 16.98
C TYR D 33 45.82 39.35 17.73
N ASP D 34 45.60 40.45 17.03
CA ASP D 34 45.73 41.78 17.61
C ASP D 34 44.70 42.75 17.01
N ILE D 35 43.50 42.72 17.55
CA ILE D 35 42.41 43.48 16.97
C ILE D 35 42.31 44.91 17.52
N PRO D 36 42.35 45.89 16.60
CA PRO D 36 42.04 47.29 16.97
C PRO D 36 40.56 47.43 17.31
N VAL D 37 40.21 47.34 18.59
CA VAL D 37 38.81 47.25 19.01
C VAL D 37 37.96 48.49 18.75
N ALA D 38 38.52 49.68 18.95
CA ALA D 38 37.74 50.89 18.75
C ALA D 38 37.32 51.08 17.28
N GLN D 39 38.23 50.74 16.37
CA GLN D 39 37.94 50.76 14.93
C GLN D 39 36.76 49.83 14.60
N ILE D 40 36.96 48.55 14.88
CA ILE D 40 36.02 47.51 14.52
C ILE D 40 34.66 47.65 15.21
N THR D 41 34.67 48.17 16.44
CA THR D 41 33.43 48.44 17.19
C THR D 41 32.61 49.50 16.50
N GLU D 42 33.27 50.56 16.06
CA GLU D 42 32.62 51.67 15.37
C GLU D 42 31.99 51.16 14.08
N GLN D 43 32.75 50.36 13.36
CA GLN D 43 32.23 49.67 12.18
C GLN D 43 31.02 48.81 12.51
N TYR D 44 31.18 47.92 13.48
CA TYR D 44 30.11 47.03 13.88
C TYR D 44 28.83 47.81 14.22
N MET D 45 28.99 48.93 14.93
CA MET D 45 27.85 49.75 15.35
C MET D 45 27.17 50.39 14.16
N ALA D 46 27.92 50.64 13.10
CA ALA D 46 27.36 51.16 11.87
C ALA D 46 26.32 50.22 11.26
N TYR D 47 26.73 48.97 11.02
CA TYR D 47 25.85 47.97 10.38
C TYR D 47 24.50 47.78 11.05
N ILE D 48 24.52 47.54 12.37
CA ILE D 48 23.29 47.37 13.11
C ILE D 48 22.44 48.65 13.10
N HIS D 49 23.10 49.80 13.28
CA HIS D 49 22.46 51.11 13.17
C HIS D 49 21.79 51.24 11.80
N ALA D 50 22.50 50.81 10.77
CA ALA D 50 21.96 50.78 9.40
C ALA D 50 20.70 49.90 9.32
N MET D 51 20.93 48.59 9.34
CA MET D 51 19.91 47.54 9.11
C MET D 51 18.43 47.89 9.39
N GLN D 52 18.18 48.76 10.36
CA GLN D 52 16.84 49.23 10.69
C GLN D 52 16.28 50.19 9.63
N ILE D 58 15.99 41.94 13.10
CA ILE D 58 17.33 41.71 13.64
C ILE D 58 17.37 40.70 14.79
N ALA D 59 18.52 40.02 14.94
CA ALA D 59 18.70 39.01 15.99
C ALA D 59 19.25 39.60 17.30
N SER D 60 18.87 38.98 18.43
CA SER D 60 19.34 39.40 19.75
C SER D 60 20.86 39.38 19.89
N GLU D 61 21.49 38.32 19.39
CA GLU D 61 22.94 38.15 19.51
C GLU D 61 23.75 39.36 19.03
N TYR D 62 23.14 40.14 18.14
CA TYR D 62 23.80 41.30 17.58
C TYR D 62 24.05 42.40 18.61
N LEU D 63 23.02 42.74 19.37
CA LEU D 63 23.13 43.78 20.40
C LEU D 63 24.00 43.34 21.57
N VAL D 64 23.81 42.10 22.00
CA VAL D 64 24.65 41.48 23.03
C VAL D 64 26.13 41.57 22.66
N MET D 65 26.42 41.52 21.35
CA MET D 65 27.79 41.67 20.88
C MET D 65 28.20 43.16 20.81
N ALA D 66 27.23 44.04 20.63
CA ALA D 66 27.51 45.46 20.64
C ALA D 66 27.97 45.84 22.05
N ALA D 67 27.17 45.41 23.03
CA ALA D 67 27.51 45.63 24.43
C ALA D 67 28.85 45.01 24.80
N THR D 68 29.09 43.78 24.35
CA THR D 68 30.36 43.09 24.57
C THR D 68 31.57 43.85 24.03
N LEU D 69 31.40 44.48 22.88
CA LEU D 69 32.47 45.21 22.21
C LEU D 69 32.70 46.58 22.85
N LEU D 70 31.61 47.32 23.03
CA LEU D 70 31.63 48.56 23.81
C LEU D 70 32.43 48.37 25.09
N ALA D 71 32.00 47.39 25.89
CA ALA D 71 32.67 47.03 27.13
C ALA D 71 34.19 46.81 27.00
N ILE D 72 34.64 46.09 25.97
CA ILE D 72 36.07 45.85 25.76
C ILE D 72 36.80 47.13 25.37
N LYS D 73 36.09 48.01 24.66
CA LYS D 73 36.66 49.29 24.22
C LYS D 73 37.03 50.09 25.48
N SER D 74 35.98 50.48 26.19
CA SER D 74 36.04 51.11 27.49
C SER D 74 37.13 50.51 28.39
N LYS D 75 37.08 49.21 28.62
CA LYS D 75 38.05 48.58 29.51
C LYS D 75 39.49 48.75 29.02
N MET D 76 39.66 48.84 27.71
CA MET D 76 41.01 48.85 27.17
C MET D 76 41.61 50.25 27.03
N LEU D 77 40.74 51.23 26.80
CA LEU D 77 41.19 52.62 26.68
C LEU D 77 41.28 53.31 28.05
N LEU D 78 40.16 53.37 28.75
CA LEU D 78 40.08 53.93 30.09
C LEU D 78 41.10 53.28 31.03
N PRO D 79 41.48 54.01 32.11
CA PRO D 79 42.41 53.50 33.12
C PRO D 79 41.77 52.46 34.04
N PRO D 80 42.59 51.54 34.57
CA PRO D 80 42.17 50.63 35.64
C PRO D 80 41.67 51.37 36.89
N ASP D 97 45.03 40.15 28.66
CA ASP D 97 44.42 40.82 27.53
C ASP D 97 42.90 40.66 27.59
N PRO D 98 42.16 41.78 27.49
CA PRO D 98 40.68 41.74 27.51
C PRO D 98 40.08 41.54 26.12
N ARG D 99 40.91 41.22 25.14
CA ARG D 99 40.45 40.81 23.80
C ARG D 99 40.44 39.28 23.68
N GLU D 100 41.17 38.61 24.57
CA GLU D 100 41.35 37.15 24.56
C GLU D 100 40.09 36.30 24.36
N GLU D 101 39.00 36.65 25.03
CA GLU D 101 37.79 35.85 24.96
C GLU D 101 37.20 35.90 23.55
N LEU D 102 36.93 37.11 23.08
CA LEU D 102 36.34 37.32 21.77
C LEU D 102 37.25 36.79 20.66
N THR D 103 38.55 37.01 20.80
CA THR D 103 39.52 36.52 19.83
C THR D 103 39.55 34.99 19.73
N GLN D 104 39.29 34.32 20.85
CA GLN D 104 39.20 32.87 20.82
C GLN D 104 37.88 32.39 20.21
N ARG D 105 36.80 33.15 20.40
CA ARG D 105 35.52 32.81 19.78
C ARG D 105 35.68 32.90 18.28
N LEU D 106 36.25 34.01 17.82
CA LEU D 106 36.46 34.26 16.40
C LEU D 106 37.35 33.17 15.79
N LEU D 107 38.41 32.80 16.48
CA LEU D 107 39.32 31.77 15.97
C LEU D 107 38.68 30.38 15.84
N GLU D 108 37.62 30.16 16.60
CA GLU D 108 36.99 28.85 16.60
C GLU D 108 35.91 28.80 15.54
N TYR D 109 35.16 29.88 15.44
CA TYR D 109 34.13 30.02 14.41
C TYR D 109 34.76 29.95 13.03
N LYS D 110 35.92 30.59 12.92
CA LYS D 110 36.67 30.64 11.67
C LYS D 110 37.14 29.25 11.25
N LYS D 111 37.41 28.36 12.21
CA LYS D 111 37.75 26.98 11.85
C LYS D 111 36.59 26.33 11.10
N PHE D 112 35.38 26.56 11.58
CA PHE D 112 34.21 25.92 11.04
C PHE D 112 33.65 26.66 9.82
N LYS D 113 34.08 27.89 9.67
CA LYS D 113 33.76 28.66 8.48
C LYS D 113 34.55 28.02 7.33
N GLU D 114 35.75 27.56 7.63
CA GLU D 114 36.56 26.89 6.61
C GLU D 114 36.12 25.45 6.37
N ALA D 115 35.73 24.77 7.44
CA ALA D 115 35.21 23.42 7.34
C ALA D 115 33.96 23.43 6.49
N ALA D 116 33.12 24.44 6.67
CA ALA D 116 31.89 24.56 5.90
C ALA D 116 32.19 24.78 4.43
N ARG D 117 33.35 25.36 4.15
CA ARG D 117 33.79 25.66 2.80
C ARG D 117 34.23 24.37 2.14
N GLU D 118 34.98 23.56 2.88
CA GLU D 118 35.37 22.24 2.42
C GLU D 118 34.14 21.34 2.16
N LEU D 119 33.15 21.45 3.04
CA LEU D 119 31.93 20.69 2.86
C LEU D 119 31.21 21.11 1.58
N LYS D 120 31.03 22.42 1.41
CA LYS D 120 30.36 22.95 0.21
C LYS D 120 31.05 22.43 -1.05
N ARG D 121 32.37 22.50 -1.06
CA ARG D 121 33.16 21.96 -2.17
C ARG D 121 32.80 20.51 -2.47
N ARG D 122 32.74 19.66 -1.43
CA ARG D 122 32.43 18.25 -1.59
C ARG D 122 31.00 18.00 -2.04
N GLU D 123 30.07 18.76 -1.45
CA GLU D 123 28.68 18.72 -1.88
C GLU D 123 28.59 18.88 -3.40
N GLU D 124 29.33 19.86 -3.92
CA GLU D 124 29.33 20.18 -5.35
C GLU D 124 29.93 19.04 -6.16
N GLU D 125 31.15 18.64 -5.81
CA GLU D 125 31.78 17.48 -6.42
C GLU D 125 30.83 16.29 -6.43
N ARG D 126 30.22 15.99 -5.29
CA ARG D 126 29.34 14.83 -5.20
C ARG D 126 28.15 14.97 -6.15
N ALA D 127 27.68 16.18 -6.35
CA ALA D 127 26.48 16.38 -7.15
C ALA D 127 26.75 16.18 -8.65
N LEU D 128 28.02 16.01 -9.01
CA LEU D 128 28.38 15.85 -10.41
C LEU D 128 28.29 14.38 -10.78
N LEU D 129 28.13 13.50 -9.79
CA LEU D 129 28.01 12.06 -10.06
C LEU D 129 26.54 11.66 -10.08
N PHE D 130 26.12 11.02 -11.16
CA PHE D 130 24.71 10.69 -11.32
C PHE D 130 24.53 9.24 -11.00
N THR D 131 23.41 8.91 -10.36
CA THR D 131 23.18 7.52 -9.96
C THR D 131 21.89 7.13 -10.67
N LYS D 132 21.53 5.87 -10.60
CA LYS D 132 20.22 5.48 -11.12
C LYS D 132 19.43 4.95 -9.93
N PRO D 133 18.11 5.15 -9.97
CA PRO D 133 17.20 4.58 -8.98
C PRO D 133 17.27 3.06 -9.10
N PRO D 134 17.01 2.33 -8.01
CA PRO D 134 17.07 0.86 -8.11
C PRO D 134 16.09 0.29 -9.13
N SER D 135 16.47 -0.80 -9.79
CA SER D 135 15.59 -1.51 -10.70
C SER D 135 14.58 -2.30 -9.91
N ASP D 136 13.31 -2.26 -10.30
CA ASP D 136 12.33 -3.15 -9.70
C ASP D 136 12.34 -4.47 -10.47
N LEU D 137 12.56 -5.57 -9.74
CA LEU D 137 12.40 -6.90 -10.33
C LEU D 137 11.71 -7.85 -9.34
N SER D 138 10.56 -7.44 -8.80
CA SER D 138 9.77 -8.33 -7.97
C SER D 138 9.27 -9.50 -8.82
N ALA D 139 9.22 -9.30 -10.14
CA ALA D 139 8.72 -10.29 -11.08
C ALA D 139 9.71 -11.42 -11.37
N TYR D 140 10.68 -11.58 -10.47
CA TYR D 140 11.62 -12.69 -10.55
C TYR D 140 11.77 -13.33 -9.15
N ALA D 141 10.96 -12.84 -8.21
CA ALA D 141 10.98 -13.28 -6.81
C ALA D 141 9.93 -14.37 -6.46
N ASP D 142 9.69 -14.55 -5.15
CA ASP D 142 8.78 -15.59 -4.61
C ASP D 142 8.78 -16.94 -5.36
N ALA D 147 8.91 -9.92 8.79
CA ALA D 147 8.35 -9.47 7.52
C ALA D 147 8.05 -7.97 7.49
N PRO D 148 7.53 -7.40 8.61
CA PRO D 148 7.59 -5.93 8.66
C PRO D 148 8.88 -5.51 9.36
N LEU D 149 8.93 -4.28 9.83
CA LEU D 149 10.08 -3.80 10.58
C LEU D 149 9.60 -2.86 11.68
N ASP D 150 10.45 -2.57 12.64
CA ASP D 150 10.17 -1.50 13.59
C ASP D 150 10.95 -0.26 13.17
N VAL D 151 10.71 0.19 11.93
CA VAL D 151 11.34 1.37 11.36
C VAL D 151 11.02 2.61 12.20
N ASN D 152 11.95 3.57 12.23
CA ASN D 152 11.66 4.89 12.81
C ASN D 152 11.38 5.94 11.73
N VAL D 153 11.12 7.17 12.16
CA VAL D 153 10.92 8.26 11.21
C VAL D 153 12.19 8.46 10.39
N TYR D 154 13.36 8.28 11.01
CA TYR D 154 14.64 8.52 10.33
C TYR D 154 14.80 7.76 9.00
N ASP D 155 14.53 6.46 8.99
CA ASP D 155 14.70 5.65 7.77
C ASP D 155 13.69 6.07 6.71
N MET D 156 12.59 6.65 7.18
CA MET D 156 11.55 7.17 6.30
C MET D 156 11.98 8.54 5.77
N LEU D 157 12.64 9.32 6.62
CA LEU D 157 13.25 10.56 6.18
C LEU D 157 14.37 10.29 5.16
N GLY D 158 15.10 9.19 5.35
CA GLY D 158 16.22 8.85 4.48
C GLY D 158 15.82 8.22 3.16
N ALA D 159 14.53 7.91 3.03
CA ALA D 159 13.99 7.46 1.76
C ALA D 159 13.45 8.68 1.03
N LEU D 160 12.71 9.51 1.77
CA LEU D 160 12.18 10.73 1.21
C LEU D 160 13.28 11.68 0.75
N SER D 161 14.38 11.74 1.52
CA SER D 161 15.48 12.64 1.17
C SER D 161 16.21 12.14 -0.09
N LYS D 162 16.46 10.83 -0.16
CA LYS D 162 17.11 10.23 -1.34
C LYS D 162 16.21 10.33 -2.58
N LEU D 163 14.91 10.47 -2.40
CA LEU D 163 14.03 10.68 -3.54
C LEU D 163 14.15 12.10 -4.04
N LEU D 164 14.15 13.04 -3.11
CA LEU D 164 14.21 14.46 -3.45
C LEU D 164 15.61 14.92 -3.91
N ARG D 165 16.62 14.08 -3.73
CA ARG D 165 17.97 14.34 -4.26
C ARG D 165 18.06 13.99 -5.75
N ARG D 166 17.22 13.06 -6.19
CA ARG D 166 17.30 12.53 -7.54
C ARG D 166 17.05 13.55 -8.64
N LYS D 167 18.00 13.65 -9.56
CA LYS D 167 17.85 14.45 -10.77
C LYS D 167 17.00 13.65 -11.78
N LYS D 168 15.80 14.15 -12.06
CA LYS D 168 14.89 13.53 -13.03
C LYS D 168 15.29 13.84 -14.47
N LEU D 169 15.68 12.81 -15.23
CA LEU D 169 16.01 12.98 -16.64
C LEU D 169 14.76 12.92 -17.52
N GLN D 170 14.75 13.70 -18.59
CA GLN D 170 13.70 13.64 -19.60
C GLN D 170 13.42 12.20 -20.05
N LYS D 171 12.14 11.83 -20.06
CA LYS D 171 11.73 10.54 -20.62
C LYS D 171 11.71 10.61 -22.15
N PRO D 172 12.04 9.49 -22.81
CA PRO D 172 12.02 9.40 -24.27
C PRO D 172 10.61 9.50 -24.81
N MET D 173 10.46 9.94 -26.05
CA MET D 173 9.15 9.95 -26.69
C MET D 173 8.96 8.68 -27.54
N LYS E 8 37.33 12.47 -25.80
CA LYS E 8 35.90 12.17 -25.93
C LYS E 8 35.67 10.82 -26.63
N PRO E 9 35.91 9.71 -25.92
CA PRO E 9 35.18 8.55 -26.40
C PRO E 9 33.71 8.90 -26.15
N ALA E 10 32.98 9.23 -27.20
CA ALA E 10 31.58 9.60 -27.08
C ALA E 10 30.78 8.41 -26.56
N LYS E 11 31.34 7.21 -26.71
CA LYS E 11 30.66 6.01 -26.24
C LYS E 11 30.70 5.93 -24.72
N ALA E 12 31.61 6.69 -24.10
CA ALA E 12 31.64 6.76 -22.64
C ALA E 12 30.56 7.71 -22.15
N ILE E 13 30.23 8.69 -22.98
CA ILE E 13 29.17 9.63 -22.66
C ILE E 13 27.82 8.93 -22.85
N VAL E 14 27.75 8.00 -23.80
CA VAL E 14 26.50 7.31 -24.06
C VAL E 14 26.23 6.30 -22.95
N GLU E 15 27.27 5.60 -22.51
CA GLU E 15 27.14 4.70 -21.36
C GLU E 15 26.63 5.48 -20.14
N ALA E 16 27.24 6.63 -19.86
CA ALA E 16 26.85 7.41 -18.71
C ALA E 16 25.42 7.91 -18.84
N LEU E 17 25.04 8.34 -20.03
CA LEU E 17 23.65 8.79 -20.27
C LEU E 17 22.63 7.66 -20.03
N LEU E 18 22.94 6.45 -20.49
CA LEU E 18 21.97 5.36 -20.45
C LEU E 18 21.91 4.78 -19.07
N PHE E 19 23.06 4.69 -18.43
CA PHE E 19 23.11 4.34 -17.02
C PHE E 19 22.18 5.22 -16.21
N ALA E 20 22.36 6.53 -16.32
CA ALA E 20 21.60 7.47 -15.51
C ALA E 20 20.12 7.46 -15.84
N ALA E 21 19.78 7.11 -17.09
CA ALA E 21 18.38 7.01 -17.48
C ALA E 21 17.76 5.76 -16.87
N GLY E 22 18.61 4.77 -16.59
CA GLY E 22 18.15 3.55 -15.96
C GLY E 22 17.09 2.82 -16.77
N ASP E 23 16.00 2.44 -16.11
CA ASP E 23 14.98 1.60 -16.74
C ASP E 23 14.14 2.36 -17.78
N GLU E 24 14.15 3.68 -17.72
CA GLU E 24 13.29 4.46 -18.59
C GLU E 24 13.91 4.61 -19.98
N GLY E 25 15.24 4.55 -20.03
CA GLY E 25 16.00 4.63 -21.25
C GLY E 25 15.97 5.99 -21.94
N LEU E 26 16.62 6.07 -23.10
CA LEU E 26 16.66 7.27 -23.93
C LEU E 26 16.36 6.96 -25.41
N SER E 27 15.68 7.87 -26.10
CA SER E 27 15.46 7.78 -27.56
C SER E 27 16.71 8.18 -28.32
N LEU E 28 16.82 7.76 -29.58
CA LEU E 28 18.00 8.11 -30.41
C LEU E 28 18.16 9.61 -30.59
N SER E 29 17.07 10.32 -30.81
CA SER E 29 17.17 11.76 -31.02
C SER E 29 17.71 12.43 -29.75
N GLN E 30 17.28 11.96 -28.58
CA GLN E 30 17.82 12.43 -27.30
C GLN E 30 19.31 12.23 -27.18
N ILE E 31 19.80 11.01 -27.41
CA ILE E 31 21.24 10.78 -27.33
C ILE E 31 21.97 11.67 -28.31
N ALA E 32 21.37 11.86 -29.49
CA ALA E 32 21.97 12.70 -30.52
C ALA E 32 21.98 14.15 -30.10
N ALA E 33 20.83 14.64 -29.61
CA ALA E 33 20.73 16.02 -29.16
C ALA E 33 21.77 16.34 -28.08
N VAL E 34 21.93 15.44 -27.11
CA VAL E 34 22.93 15.61 -26.07
C VAL E 34 24.34 15.69 -26.65
N LEU E 35 24.71 14.69 -27.44
CA LEU E 35 26.05 14.66 -28.02
C LEU E 35 26.28 15.81 -29.00
N GLU E 36 25.17 16.40 -29.46
CA GLU E 36 25.17 17.49 -30.42
C GLU E 36 25.76 17.04 -31.75
N VAL E 37 25.01 16.19 -32.45
CA VAL E 37 25.52 15.32 -33.49
C VAL E 37 24.32 14.66 -34.19
N SER E 38 24.52 14.22 -35.44
CA SER E 38 23.49 13.50 -36.20
C SER E 38 23.04 12.19 -35.56
N GLU E 39 21.73 11.92 -35.65
CA GLU E 39 21.18 10.62 -35.30
C GLU E 39 21.96 9.44 -35.89
N LEU E 40 22.65 9.68 -37.00
CA LEU E 40 23.37 8.63 -37.72
C LEU E 40 24.75 8.36 -37.13
N GLU E 41 25.36 9.40 -36.57
CA GLU E 41 26.64 9.27 -35.90
C GLU E 41 26.43 8.78 -34.46
N ALA E 42 25.29 9.14 -33.89
CA ALA E 42 24.89 8.66 -32.56
C ALA E 42 24.75 7.15 -32.58
N LYS E 43 24.08 6.64 -33.62
CA LYS E 43 23.80 5.22 -33.76
C LYS E 43 25.07 4.41 -33.93
N ALA E 44 26.08 4.98 -34.55
CA ALA E 44 27.36 4.29 -34.69
C ALA E 44 28.06 4.16 -33.33
N VAL E 45 27.96 5.21 -32.52
CA VAL E 45 28.51 5.19 -31.17
C VAL E 45 27.82 4.13 -30.33
N ILE E 46 26.49 4.15 -30.36
CA ILE E 46 25.67 3.18 -29.65
C ILE E 46 26.08 1.73 -29.97
N GLU E 47 26.36 1.45 -31.23
CA GLU E 47 26.72 0.11 -31.68
C GLU E 47 28.09 -0.28 -31.16
N GLU E 48 29.01 0.68 -31.13
CA GLU E 48 30.33 0.38 -30.65
C GLU E 48 30.26 0.01 -29.18
N LEU E 49 29.34 0.64 -28.45
CA LEU E 49 29.18 0.34 -27.02
C LEU E 49 28.52 -1.03 -26.88
N GLN E 50 27.51 -1.26 -27.71
CA GLN E 50 26.81 -2.54 -27.75
C GLN E 50 27.73 -3.71 -28.10
N GLN E 51 28.69 -3.48 -29.00
CA GLN E 51 29.67 -4.52 -29.31
C GLN E 51 30.64 -4.69 -28.15
N ASP E 52 30.95 -3.60 -27.45
CA ASP E 52 31.81 -3.67 -26.27
C ASP E 52 31.15 -4.43 -25.13
N CYS E 53 29.84 -4.27 -24.99
CA CYS E 53 29.13 -4.96 -23.92
C CYS E 53 28.91 -6.42 -24.23
N ARG E 54 29.22 -6.83 -25.46
CA ARG E 54 29.03 -8.23 -25.84
C ARG E 54 30.15 -9.11 -25.31
N ARG E 55 31.28 -8.50 -24.93
CA ARG E 55 32.33 -9.23 -24.23
C ARG E 55 31.81 -9.66 -22.85
N GLU E 56 32.13 -10.90 -22.45
CA GLU E 56 31.62 -11.48 -21.21
C GLU E 56 32.00 -10.68 -19.97
N GLU E 57 32.98 -9.80 -20.14
CA GLU E 57 33.48 -8.93 -19.06
C GLU E 57 32.37 -8.06 -18.45
N ARG E 58 31.24 -7.94 -19.16
CA ARG E 58 30.14 -7.04 -18.80
C ARG E 58 28.87 -7.79 -18.42
N GLY E 59 28.22 -7.33 -17.36
CA GLY E 59 27.00 -7.93 -16.89
C GLY E 59 25.80 -7.08 -17.28
N ILE E 60 26.09 -6.01 -17.99
CA ILE E 60 25.07 -5.08 -18.46
C ILE E 60 25.17 -5.02 -19.98
N GLN E 61 24.04 -4.81 -20.65
CA GLN E 61 24.07 -4.71 -22.11
C GLN E 61 23.01 -3.72 -22.59
N LEU E 62 23.30 -3.07 -23.70
CA LEU E 62 22.39 -2.13 -24.31
C LEU E 62 21.36 -2.91 -25.11
N VAL E 63 20.15 -2.38 -25.25
CA VAL E 63 19.12 -2.99 -26.09
C VAL E 63 18.14 -1.93 -26.58
N GLU E 64 17.66 -2.08 -27.80
CA GLU E 64 16.63 -1.18 -28.31
C GLU E 64 15.29 -1.87 -28.18
N LEU E 65 14.25 -1.11 -27.84
CA LEU E 65 12.90 -1.65 -27.65
C LEU E 65 11.87 -0.55 -27.79
N GLY E 66 10.95 -0.72 -28.76
CA GLY E 66 9.89 0.24 -28.97
C GLY E 66 10.41 1.62 -29.25
N GLY E 67 11.57 1.70 -29.92
CA GLY E 67 12.19 2.96 -30.27
C GLY E 67 12.89 3.66 -29.09
N VAL E 68 13.24 2.90 -28.06
CA VAL E 68 13.94 3.42 -26.89
C VAL E 68 15.18 2.57 -26.60
N PHE E 69 16.33 3.21 -26.35
CA PHE E 69 17.52 2.46 -25.92
C PHE E 69 17.65 2.41 -24.39
N LEU E 70 18.06 1.26 -23.85
CA LEU E 70 18.25 1.14 -22.40
C LEU E 70 19.29 0.08 -22.01
N LEU E 71 19.99 0.31 -20.90
CA LEU E 71 20.89 -0.69 -20.37
C LEU E 71 20.10 -1.62 -19.47
N ALA E 72 20.46 -2.90 -19.46
CA ALA E 72 19.77 -3.89 -18.67
C ALA E 72 20.75 -5.02 -18.38
N THR E 73 20.45 -5.81 -17.36
CA THR E 73 21.30 -6.91 -16.92
C THR E 73 21.13 -8.10 -17.86
N LYS E 74 22.20 -8.88 -18.05
CA LYS E 74 22.19 -10.00 -18.99
C LYS E 74 21.38 -11.18 -18.43
N LYS E 75 20.77 -11.97 -19.33
CA LYS E 75 19.85 -13.04 -18.91
C LYS E 75 20.56 -14.11 -18.07
N GLU E 76 21.82 -14.39 -18.41
CA GLU E 76 22.68 -15.28 -17.63
C GLU E 76 22.85 -14.95 -16.13
N HIS E 77 22.39 -13.77 -15.68
CA HIS E 77 22.63 -13.35 -14.28
C HIS E 77 21.38 -13.33 -13.42
N ALA E 78 20.25 -13.72 -14.00
CA ALA E 78 18.98 -13.78 -13.28
C ALA E 78 19.05 -14.48 -11.92
N PRO E 79 19.67 -15.69 -11.85
CA PRO E 79 19.66 -16.40 -10.56
C PRO E 79 20.34 -15.65 -9.43
N TYR E 80 21.31 -14.80 -9.75
CA TYR E 80 21.96 -13.97 -8.73
C TYR E 80 21.08 -12.79 -8.35
N LEU E 81 20.40 -12.24 -9.35
CA LEU E 81 19.46 -11.15 -9.10
C LEU E 81 18.30 -11.68 -8.28
N LYS E 82 17.81 -12.86 -8.65
CA LYS E 82 16.82 -13.60 -7.88
C LYS E 82 17.28 -13.71 -6.43
N LYS E 83 18.52 -14.16 -6.25
CA LYS E 83 19.12 -14.40 -4.94
C LYS E 83 19.22 -13.13 -4.11
N LEU E 84 19.35 -11.99 -4.79
CA LEU E 84 19.48 -10.70 -4.13
C LEU E 84 18.21 -10.29 -3.38
N VAL E 85 17.07 -10.36 -4.07
CA VAL E 85 15.79 -9.91 -3.51
C VAL E 85 15.31 -10.66 -2.27
N GLU E 86 16.02 -11.72 -1.89
CA GLU E 86 15.64 -12.54 -0.75
C GLU E 86 16.58 -12.36 0.45
N ALA E 87 16.11 -11.67 1.49
CA ALA E 87 16.92 -11.37 2.67
C ALA E 87 17.24 -12.60 3.52
N PRO E 92 12.37 -6.17 3.11
CA PRO E 92 11.05 -6.13 3.74
C PRO E 92 10.13 -5.13 3.07
N LEU E 93 10.26 -3.86 3.47
CA LEU E 93 9.52 -2.75 2.87
C LEU E 93 10.39 -1.99 1.88
N SER E 94 10.01 -2.04 0.60
CA SER E 94 10.79 -1.40 -0.49
C SER E 94 11.06 0.11 -0.31
N GLN E 95 12.04 0.64 -1.06
CA GLN E 95 12.40 2.06 -0.98
C GLN E 95 11.34 2.91 -1.69
N ALA E 96 10.89 2.42 -2.85
CA ALA E 96 9.79 3.03 -3.60
C ALA E 96 8.49 3.05 -2.79
N ALA E 97 8.40 2.18 -1.79
CA ALA E 97 7.25 2.15 -0.89
C ALA E 97 7.33 3.31 0.09
N LEU E 98 8.47 3.42 0.77
CA LEU E 98 8.69 4.45 1.80
C LEU E 98 8.70 5.88 1.24
N GLU E 99 9.23 6.02 0.02
CA GLU E 99 9.11 7.26 -0.73
C GLU E 99 7.63 7.61 -0.82
N THR E 100 6.88 6.69 -1.39
CA THR E 100 5.44 6.83 -1.56
C THR E 100 4.69 6.91 -0.21
N LEU E 101 5.25 6.29 0.83
CA LEU E 101 4.64 6.32 2.15
C LEU E 101 4.80 7.68 2.81
N ALA E 102 6.03 8.20 2.76
CA ALA E 102 6.33 9.48 3.41
C ALA E 102 5.66 10.64 2.69
N ILE E 103 5.60 10.56 1.37
CA ILE E 103 4.92 11.59 0.59
C ILE E 103 3.48 11.76 1.07
N ILE E 104 2.82 10.62 1.27
CA ILE E 104 1.44 10.62 1.75
C ILE E 104 1.35 11.11 3.19
N ALA E 105 2.26 10.65 4.04
CA ALA E 105 2.26 11.06 5.45
C ALA E 105 2.32 12.58 5.65
N TYR E 106 3.06 13.26 4.76
CA TYR E 106 3.29 14.69 4.89
C TYR E 106 2.38 15.55 4.03
N ARG E 107 1.91 14.98 2.92
CA ARG E 107 1.18 15.79 1.94
C ARG E 107 -0.24 15.31 1.62
N GLN E 108 -0.77 14.50 2.54
CA GLN E 108 -2.16 14.04 2.46
C GLN E 108 -3.12 15.21 2.64
N PRO E 109 -4.31 15.12 2.04
CA PRO E 109 -4.79 14.04 1.14
C PRO E 109 -4.19 14.16 -0.26
N ILE E 110 -3.95 13.04 -0.94
CA ILE E 110 -3.22 13.07 -2.21
C ILE E 110 -3.57 11.98 -3.26
N THR E 111 -3.82 12.40 -4.51
CA THR E 111 -4.06 11.48 -5.63
C THR E 111 -2.79 10.73 -6.04
N ARG E 112 -2.97 9.58 -6.69
CA ARG E 112 -1.84 8.82 -7.24
C ARG E 112 -1.04 9.66 -8.22
N ALA E 113 -1.74 10.40 -9.08
CA ALA E 113 -1.08 11.21 -10.11
C ALA E 113 -0.22 12.36 -9.51
N GLU E 114 -0.68 12.93 -8.40
CA GLU E 114 0.10 13.93 -7.67
C GLU E 114 1.37 13.30 -7.07
N ILE E 115 1.21 12.09 -6.51
CA ILE E 115 2.34 11.30 -6.04
C ILE E 115 3.33 10.99 -7.17
N GLU E 116 2.81 10.46 -8.28
CA GLU E 116 3.63 10.15 -9.45
C GLU E 116 4.37 11.37 -9.98
N GLU E 117 3.73 12.53 -9.91
CA GLU E 117 4.34 13.78 -10.35
C GLU E 117 5.52 14.19 -9.44
N ILE E 118 5.46 13.75 -8.18
CA ILE E 118 6.56 13.90 -7.23
C ILE E 118 7.66 12.88 -7.50
N ARG E 119 7.31 11.59 -7.44
CA ARG E 119 8.25 10.49 -7.70
C ARG E 119 8.88 10.51 -9.10
N GLY E 120 8.14 11.01 -10.09
CA GLY E 120 8.60 11.07 -11.47
C GLY E 120 8.41 9.75 -12.21
N VAL E 121 7.90 8.76 -11.49
CA VAL E 121 7.67 7.43 -12.04
C VAL E 121 6.31 6.88 -11.60
N LYS E 122 5.75 5.98 -12.41
CA LYS E 122 4.53 5.25 -12.06
C LYS E 122 4.66 4.62 -10.68
N SER E 123 3.59 4.69 -9.90
CA SER E 123 3.67 4.42 -8.47
C SER E 123 2.43 3.68 -7.95
N ASP E 124 1.86 2.86 -8.83
CA ASP E 124 0.69 2.05 -8.51
C ASP E 124 1.07 0.74 -7.81
N LYS E 125 2.31 0.30 -8.04
CA LYS E 125 2.85 -0.88 -7.37
C LYS E 125 3.16 -0.66 -5.88
N PRO E 126 3.90 0.43 -5.53
CA PRO E 126 4.11 0.64 -4.09
C PRO E 126 2.81 1.03 -3.40
N LEU E 127 1.96 1.73 -4.14
CA LEU E 127 0.61 2.08 -3.70
C LEU E 127 -0.17 0.79 -3.45
N GLN E 128 0.01 -0.18 -4.34
CA GLN E 128 -0.59 -1.50 -4.16
C GLN E 128 -0.04 -2.20 -2.91
N THR E 129 1.27 -2.03 -2.67
CA THR E 129 1.93 -2.63 -1.50
C THR E 129 1.50 -1.96 -0.19
N LEU E 130 1.45 -0.62 -0.21
CA LEU E 130 1.08 0.16 0.97
C LEU E 130 -0.35 -0.12 1.39
N MET E 131 -1.27 -0.14 0.42
CA MET E 131 -2.68 -0.39 0.69
C MET E 131 -2.94 -1.80 1.21
N ALA E 132 -2.01 -2.72 0.95
CA ALA E 132 -2.10 -4.08 1.47
C ALA E 132 -1.49 -4.22 2.87
N ARG E 133 -0.49 -3.39 3.17
CA ARG E 133 0.14 -3.40 4.49
C ARG E 133 -0.71 -2.63 5.51
N ALA E 134 -1.88 -2.18 5.07
CA ALA E 134 -2.75 -1.28 5.83
C ALA E 134 -2.03 -0.02 6.31
N LEU E 135 -0.92 0.34 5.64
CA LEU E 135 -0.21 1.59 5.91
C LEU E 135 -0.96 2.75 5.29
N ILE E 136 -1.57 2.48 4.14
CA ILE E 136 -2.26 3.49 3.37
C ILE E 136 -3.72 3.08 3.09
N LYS E 137 -4.55 4.08 2.81
CA LYS E 137 -5.96 3.87 2.50
C LYS E 137 -6.48 5.01 1.66
N GLU E 138 -7.60 4.79 0.98
CA GLU E 138 -8.33 5.87 0.30
C GLU E 138 -9.05 6.71 1.35
N VAL E 139 -9.22 8.00 1.06
CA VAL E 139 -9.84 8.91 2.02
C VAL E 139 -10.99 9.73 1.42
N GLY E 140 -11.12 9.69 0.10
CA GLY E 140 -12.22 10.34 -0.57
C GLY E 140 -12.00 10.57 -2.05
N ARG E 141 -12.80 11.48 -2.60
CA ARG E 141 -12.70 11.85 -4.01
C ARG E 141 -12.27 13.30 -4.14
N ALA E 142 -11.16 13.52 -4.84
CA ALA E 142 -10.75 14.86 -5.21
C ALA E 142 -11.77 15.43 -6.19
N GLU E 143 -12.47 16.48 -5.76
CA GLU E 143 -13.38 17.18 -6.65
C GLU E 143 -12.58 17.81 -7.80
N GLY E 144 -13.16 17.77 -9.01
CA GLY E 144 -12.49 18.30 -10.18
C GLY E 144 -12.77 17.47 -11.42
N THR E 145 -11.90 17.61 -12.43
CA THR E 145 -12.00 16.78 -13.64
C THR E 145 -11.71 15.32 -13.29
N GLY E 146 -12.71 14.46 -13.51
CA GLY E 146 -12.67 13.10 -13.00
C GLY E 146 -12.80 13.13 -11.49
N ARG E 147 -12.83 11.96 -10.86
CA ARG E 147 -12.87 11.93 -9.39
C ARG E 147 -11.69 11.15 -8.85
N PRO E 148 -10.47 11.70 -8.96
CA PRO E 148 -9.29 10.91 -8.58
C PRO E 148 -9.33 10.49 -7.12
N ILE E 149 -8.94 9.26 -6.83
CA ILE E 149 -8.95 8.75 -5.47
C ILE E 149 -7.85 9.40 -4.62
N LEU E 150 -8.23 9.88 -3.43
CA LEU E 150 -7.27 10.47 -2.51
C LEU E 150 -6.72 9.43 -1.55
N TYR E 151 -5.46 9.57 -1.18
CA TYR E 151 -4.80 8.66 -0.25
C TYR E 151 -4.38 9.36 1.03
N GLY E 152 -4.60 8.68 2.16
CA GLY E 152 -4.22 9.21 3.45
C GLY E 152 -3.57 8.12 4.28
N THR E 153 -3.05 8.47 5.46
CA THR E 153 -2.39 7.48 6.30
C THR E 153 -3.42 6.67 7.09
N THR E 154 -2.92 5.78 7.92
CA THR E 154 -3.79 5.00 8.79
C THR E 154 -3.36 5.23 10.24
N PRO E 155 -4.22 4.88 11.21
CA PRO E 155 -3.74 4.85 12.60
C PRO E 155 -2.79 3.66 12.71
N GLU E 156 -3.02 2.71 11.81
CA GLU E 156 -2.19 1.53 11.60
C GLU E 156 -0.77 1.96 11.23
N PHE E 157 -0.65 3.04 10.45
CA PHE E 157 0.62 3.69 10.14
C PHE E 157 1.27 4.34 11.37
N LEU E 158 0.44 4.94 12.23
CA LEU E 158 0.91 5.69 13.40
C LEU E 158 1.43 4.80 14.54
N ASP E 159 1.63 3.51 14.30
CA ASP E 159 2.02 2.58 15.37
C ASP E 159 3.42 1.97 15.19
N TYR E 160 3.79 1.62 13.96
CA TYR E 160 5.12 1.09 13.66
C TYR E 160 6.21 2.13 13.95
N PHE E 161 5.78 3.39 14.08
CA PHE E 161 6.63 4.48 14.58
C PHE E 161 5.95 5.07 15.81
N GLY E 162 5.02 4.32 16.38
CA GLY E 162 4.32 4.68 17.61
C GLY E 162 3.77 6.09 17.69
N LEU E 163 3.70 6.76 16.55
CA LEU E 163 3.26 8.15 16.47
C LEU E 163 1.88 8.37 17.10
N LYS E 164 1.77 9.35 17.99
CA LYS E 164 0.46 9.68 18.53
C LYS E 164 -0.36 10.39 17.46
N THR E 165 0.27 11.34 16.78
CA THR E 165 -0.39 12.10 15.72
C THR E 165 0.50 12.27 14.49
N LEU E 166 -0.08 12.84 13.44
CA LEU E 166 0.70 13.31 12.30
C LEU E 166 1.10 14.76 12.56
N GLU E 167 1.59 15.01 13.79
CA GLU E 167 2.08 16.32 14.19
C GLU E 167 3.42 16.07 14.87
N GLU E 168 3.64 14.81 15.22
CA GLU E 168 4.93 14.31 15.69
C GLU E 168 5.82 13.99 14.49
N LEU E 169 5.67 14.76 13.43
CA LEU E 169 6.51 14.60 12.25
C LEU E 169 7.45 15.78 12.20
N PRO E 170 8.76 15.49 12.09
CA PRO E 170 9.76 16.57 12.01
C PRO E 170 9.46 17.41 10.78
N PRO E 171 9.43 18.73 10.95
CA PRO E 171 9.05 19.64 9.85
C PRO E 171 10.03 19.61 8.69
N LEU E 172 9.53 19.80 7.47
CA LEU E 172 10.37 19.88 6.29
C LEU E 172 10.40 21.29 5.72
N PRO E 173 11.41 22.07 6.10
CA PRO E 173 11.50 23.48 5.71
C PRO E 173 11.54 23.65 4.19
N GLU E 174 12.41 22.91 3.53
CA GLU E 174 12.70 23.12 2.12
C GLU E 174 11.57 22.65 1.18
N TRP E 175 10.42 22.31 1.76
CA TRP E 175 9.27 21.82 1.00
C TRP E 175 8.03 22.70 1.16
N ALA F 6 39.18 -16.95 -11.10
CA ALA F 6 37.78 -16.99 -11.51
C ALA F 6 37.08 -15.64 -11.29
N LEU F 7 37.81 -14.54 -11.50
CA LEU F 7 37.28 -13.20 -11.21
C LEU F 7 36.45 -12.59 -12.35
N LYS F 8 36.82 -12.87 -13.59
CA LYS F 8 36.06 -12.34 -14.74
C LYS F 8 34.55 -12.69 -14.76
N PRO F 9 34.17 -13.92 -14.35
CA PRO F 9 32.71 -14.12 -14.30
C PRO F 9 32.07 -13.34 -13.16
N ALA F 10 32.74 -13.28 -12.01
CA ALA F 10 32.21 -12.56 -10.85
C ALA F 10 32.12 -11.04 -11.04
N LYS F 11 33.04 -10.47 -11.82
CA LYS F 11 33.00 -9.04 -12.08
C LYS F 11 31.71 -8.66 -12.77
N ALA F 12 31.26 -9.52 -13.68
CA ALA F 12 30.06 -9.22 -14.45
C ALA F 12 28.81 -9.34 -13.58
N ILE F 13 28.80 -10.30 -12.67
CA ILE F 13 27.71 -10.47 -11.73
C ILE F 13 27.61 -9.26 -10.80
N VAL F 14 28.72 -8.90 -10.17
CA VAL F 14 28.74 -7.74 -9.27
C VAL F 14 28.26 -6.48 -10.00
N GLU F 15 28.71 -6.31 -11.23
CA GLU F 15 28.29 -5.20 -12.06
C GLU F 15 26.76 -5.22 -12.22
N ALA F 16 26.20 -6.39 -12.48
CA ALA F 16 24.75 -6.52 -12.65
C ALA F 16 24.02 -6.21 -11.36
N LEU F 17 24.51 -6.76 -10.26
CA LEU F 17 23.95 -6.49 -8.93
C LEU F 17 23.97 -5.00 -8.59
N LEU F 18 25.10 -4.34 -8.84
CA LEU F 18 25.20 -2.93 -8.45
C LEU F 18 24.31 -2.07 -9.34
N PHE F 19 24.16 -2.50 -10.59
CA PHE F 19 23.33 -1.79 -11.55
C PHE F 19 21.86 -1.87 -11.11
N ALA F 20 21.46 -3.03 -10.62
CA ALA F 20 20.08 -3.18 -10.18
C ALA F 20 19.85 -2.52 -8.81
N ALA F 21 20.84 -2.60 -7.95
CA ALA F 21 20.72 -1.99 -6.64
C ALA F 21 20.60 -0.46 -6.74
N GLY F 22 21.11 0.13 -7.82
CA GLY F 22 21.03 1.56 -8.02
C GLY F 22 21.61 2.41 -6.90
N ASP F 23 20.99 3.57 -6.63
CA ASP F 23 21.50 4.51 -5.63
C ASP F 23 21.40 4.04 -4.18
N GLU F 24 20.81 2.86 -3.95
CA GLU F 24 20.80 2.24 -2.60
C GLU F 24 22.16 1.61 -2.33
N GLY F 25 22.79 1.11 -3.39
CA GLY F 25 24.08 0.47 -3.28
C GLY F 25 23.96 -0.90 -2.64
N LEU F 26 25.06 -1.63 -2.59
CA LEU F 26 25.12 -2.90 -1.87
C LEU F 26 26.34 -2.88 -0.94
N SER F 27 26.21 -3.41 0.26
CA SER F 27 27.35 -3.51 1.18
C SER F 27 28.22 -4.69 0.77
N LEU F 28 29.39 -4.80 1.38
CA LEU F 28 30.29 -5.92 1.09
C LEU F 28 29.68 -7.27 1.52
N SER F 29 29.02 -7.30 2.67
CA SER F 29 28.34 -8.54 3.09
C SER F 29 27.32 -8.98 2.05
N GLN F 30 26.50 -8.04 1.58
CA GLN F 30 25.44 -8.44 0.65
C GLN F 30 26.02 -8.98 -0.66
N ILE F 31 27.04 -8.33 -1.18
CA ILE F 31 27.69 -8.79 -2.39
C ILE F 31 28.33 -10.16 -2.16
N ALA F 32 29.06 -10.30 -1.05
CA ALA F 32 29.59 -11.59 -0.61
C ALA F 32 28.51 -12.68 -0.54
N ALA F 33 27.40 -12.40 0.14
CA ALA F 33 26.33 -13.39 0.31
C ALA F 33 25.67 -13.88 -0.98
N VAL F 34 25.59 -13.02 -2.00
CA VAL F 34 24.99 -13.41 -3.27
C VAL F 34 25.95 -14.24 -4.11
N LEU F 35 27.23 -13.90 -4.07
CA LEU F 35 28.24 -14.64 -4.83
C LEU F 35 28.61 -15.92 -4.10
N GLU F 36 28.15 -16.02 -2.86
CA GLU F 36 28.52 -17.14 -1.99
C GLU F 36 30.05 -17.31 -1.94
N VAL F 37 30.72 -16.19 -1.68
CA VAL F 37 32.15 -16.15 -1.41
C VAL F 37 32.38 -15.40 -0.11
N SER F 38 33.64 -15.23 0.26
CA SER F 38 33.98 -14.47 1.46
C SER F 38 34.02 -12.99 1.14
N GLU F 39 33.97 -12.16 2.17
CA GLU F 39 34.06 -10.73 1.96
C GLU F 39 35.40 -10.38 1.33
N LEU F 40 36.43 -11.18 1.61
CA LEU F 40 37.74 -10.98 0.98
C LEU F 40 37.75 -11.15 -0.54
N GLU F 41 37.13 -12.23 -1.03
CA GLU F 41 37.04 -12.45 -2.47
C GLU F 41 36.14 -11.42 -3.14
N ALA F 42 35.02 -11.12 -2.49
CA ALA F 42 34.09 -10.10 -2.99
C ALA F 42 34.78 -8.75 -3.13
N LYS F 43 35.55 -8.35 -2.12
CA LYS F 43 36.30 -7.11 -2.19
C LYS F 43 37.29 -7.16 -3.35
N ALA F 44 37.91 -8.33 -3.55
CA ALA F 44 38.85 -8.50 -4.65
C ALA F 44 38.18 -8.32 -6.00
N VAL F 45 36.97 -8.86 -6.16
CA VAL F 45 36.21 -8.69 -7.39
C VAL F 45 35.88 -7.22 -7.60
N ILE F 46 35.42 -6.58 -6.53
CA ILE F 46 35.06 -5.17 -6.54
C ILE F 46 36.24 -4.29 -6.95
N GLU F 47 37.38 -4.47 -6.28
CA GLU F 47 38.58 -3.70 -6.58
C GLU F 47 38.98 -3.80 -8.06
N GLU F 48 38.98 -5.01 -8.61
CA GLU F 48 39.33 -5.19 -10.03
C GLU F 48 38.32 -4.50 -10.96
N LEU F 49 37.04 -4.71 -10.67
CA LEU F 49 35.96 -4.10 -11.44
C LEU F 49 36.06 -2.57 -11.42
N GLN F 50 36.52 -2.04 -10.28
CA GLN F 50 36.66 -0.61 -10.07
C GLN F 50 37.81 -0.09 -10.91
N GLN F 51 38.86 -0.88 -11.01
CA GLN F 51 39.99 -0.54 -11.88
C GLN F 51 39.64 -0.62 -13.37
N ASP F 52 38.82 -1.57 -13.78
CA ASP F 52 38.35 -1.62 -15.17
C ASP F 52 37.53 -0.39 -15.53
N CYS F 53 36.77 0.12 -14.57
CA CYS F 53 35.93 1.29 -14.83
C CYS F 53 36.74 2.56 -14.92
N ARG F 54 38.03 2.50 -14.60
CA ARG F 54 38.84 3.70 -14.60
C ARG F 54 39.32 4.14 -15.98
N ARG F 55 39.20 3.25 -16.96
CA ARG F 55 39.59 3.55 -18.34
C ARG F 55 38.66 4.56 -19.02
N GLU F 56 39.24 5.49 -19.78
CA GLU F 56 38.48 6.62 -20.35
C GLU F 56 37.28 6.19 -21.17
N GLU F 57 37.30 4.93 -21.62
CA GLU F 57 36.26 4.41 -22.50
C GLU F 57 35.00 4.06 -21.71
N ARG F 58 35.14 3.94 -20.40
CA ARG F 58 34.00 3.62 -19.54
C ARG F 58 33.38 4.89 -18.97
N GLY F 59 32.07 5.01 -19.14
CA GLY F 59 31.33 6.17 -18.65
C GLY F 59 30.93 6.10 -17.18
N ILE F 60 30.99 4.91 -16.59
CA ILE F 60 30.57 4.74 -15.20
C ILE F 60 31.67 4.17 -14.33
N GLN F 61 31.57 4.43 -13.03
CA GLN F 61 32.62 4.07 -12.08
C GLN F 61 31.97 3.44 -10.86
N LEU F 62 32.77 2.76 -10.05
CA LEU F 62 32.29 2.09 -8.87
C LEU F 62 32.80 2.87 -7.65
N VAL F 63 31.91 3.44 -6.87
CA VAL F 63 32.34 4.23 -5.72
C VAL F 63 31.90 3.60 -4.41
N GLU F 64 32.65 3.91 -3.34
CA GLU F 64 32.28 3.48 -2.00
C GLU F 64 31.90 4.71 -1.17
N LEU F 65 30.65 4.76 -0.76
CA LEU F 65 30.15 5.84 0.06
C LEU F 65 29.28 5.24 1.14
N GLY F 66 29.40 5.78 2.35
CA GLY F 66 28.49 5.44 3.43
C GLY F 66 28.33 3.96 3.71
N GLY F 67 29.37 3.17 3.46
CA GLY F 67 29.31 1.75 3.77
C GLY F 67 28.70 0.88 2.68
N VAL F 68 28.28 1.48 1.57
CA VAL F 68 27.81 0.68 0.44
C VAL F 68 28.57 0.98 -0.85
N PHE F 69 28.76 -0.05 -1.66
CA PHE F 69 29.33 0.15 -2.99
C PHE F 69 28.22 0.46 -3.95
N LEU F 70 28.45 1.42 -4.84
CA LEU F 70 27.46 1.76 -5.84
C LEU F 70 28.08 2.29 -7.13
N LEU F 71 27.33 2.19 -8.23
CA LEU F 71 27.77 2.68 -9.51
C LEU F 71 27.24 4.07 -9.75
N ALA F 72 28.08 4.90 -10.38
CA ALA F 72 27.76 6.30 -10.70
C ALA F 72 28.54 6.74 -11.92
N THR F 73 28.01 7.72 -12.66
CA THR F 73 28.71 8.31 -13.78
C THR F 73 29.96 9.02 -13.29
N LYS F 74 30.84 9.42 -14.21
CA LYS F 74 32.06 10.13 -13.84
C LYS F 74 31.83 11.62 -13.91
N LYS F 75 32.53 12.38 -13.06
CA LYS F 75 32.33 13.83 -13.00
C LYS F 75 32.51 14.46 -14.37
N GLU F 76 33.47 13.92 -15.14
CA GLU F 76 33.72 14.45 -16.48
C GLU F 76 32.47 14.54 -17.37
N HIS F 77 31.58 13.57 -17.29
CA HIS F 77 30.43 13.57 -18.19
C HIS F 77 29.23 14.42 -17.73
N ALA F 78 29.35 15.07 -16.58
CA ALA F 78 28.23 15.86 -16.01
C ALA F 78 27.56 16.92 -16.91
N PRO F 79 28.35 17.73 -17.64
CA PRO F 79 27.75 18.74 -18.53
C PRO F 79 26.82 18.16 -19.60
N TYR F 80 27.08 16.92 -19.99
CA TYR F 80 26.17 16.19 -20.86
C TYR F 80 24.92 15.70 -20.15
N LEU F 81 25.10 15.06 -19.00
CA LEU F 81 23.95 14.56 -18.26
C LEU F 81 22.98 15.68 -17.86
N LYS F 82 23.50 16.86 -17.55
CA LYS F 82 22.67 18.02 -17.20
C LYS F 82 21.70 18.43 -18.30
N LYS F 83 22.11 18.27 -19.57
CA LYS F 83 21.23 18.50 -20.73
C LYS F 83 19.92 17.69 -20.69
N LEU F 84 19.94 16.56 -19.98
CA LEU F 84 18.72 15.78 -19.81
C LEU F 84 17.91 16.11 -18.56
N VAL F 85 18.50 16.87 -17.62
CA VAL F 85 17.78 17.19 -16.38
C VAL F 85 16.66 18.19 -16.66
N GLU F 86 15.43 17.78 -16.35
CA GLU F 86 14.27 18.66 -16.49
C GLU F 86 13.82 19.14 -15.12
N ALA F 87 14.01 18.29 -14.11
CA ALA F 87 13.70 18.62 -12.72
C ALA F 87 14.93 18.44 -11.84
N PRO F 88 15.43 19.54 -11.26
CA PRO F 88 16.65 19.49 -10.44
C PRO F 88 16.44 18.77 -9.11
N GLY F 89 17.53 18.32 -8.50
CA GLY F 89 17.49 17.70 -7.19
C GLY F 89 17.33 18.71 -6.06
N ALA F 90 17.93 18.41 -4.91
CA ALA F 90 17.86 19.32 -3.75
C ALA F 90 18.58 20.62 -4.06
N SER F 91 18.12 21.72 -3.44
CA SER F 91 18.88 22.97 -3.46
C SER F 91 20.14 22.72 -2.66
N PRO F 92 21.20 23.49 -2.90
CA PRO F 92 22.37 23.30 -2.04
C PRO F 92 22.08 23.77 -0.62
N LEU F 93 22.80 23.25 0.38
CA LEU F 93 22.57 23.64 1.76
C LEU F 93 22.94 25.10 1.92
N SER F 94 22.18 25.83 2.73
CA SER F 94 22.54 27.21 3.12
C SER F 94 23.88 27.24 3.86
N GLN F 95 24.50 28.43 3.96
CA GLN F 95 25.69 28.63 4.82
C GLN F 95 25.42 28.21 6.26
N ALA F 96 24.26 28.62 6.78
CA ALA F 96 23.86 28.25 8.14
C ALA F 96 23.95 26.74 8.36
N ALA F 97 23.31 25.98 7.47
CA ALA F 97 23.30 24.53 7.57
C ALA F 97 24.68 23.94 7.34
N LEU F 98 25.49 24.53 6.46
CA LEU F 98 26.84 24.01 6.24
C LEU F 98 27.72 24.15 7.49
N GLU F 99 27.66 25.31 8.13
CA GLU F 99 28.45 25.59 9.33
C GLU F 99 27.99 24.74 10.53
N THR F 100 26.67 24.70 10.75
CA THR F 100 26.08 23.82 11.76
C THR F 100 26.47 22.35 11.54
N LEU F 101 26.42 21.89 10.30
CA LEU F 101 26.74 20.51 9.96
C LEU F 101 28.22 20.24 10.08
N ALA F 102 29.04 21.24 9.76
CA ALA F 102 30.48 21.07 9.85
C ALA F 102 30.87 20.94 11.33
N ILE F 103 30.21 21.73 12.19
CA ILE F 103 30.42 21.57 13.62
C ILE F 103 29.98 20.19 14.11
N ILE F 104 28.80 19.72 13.70
CA ILE F 104 28.37 18.39 14.14
C ILE F 104 29.31 17.29 13.64
N ALA F 105 29.80 17.43 12.40
CA ALA F 105 30.69 16.41 11.83
C ALA F 105 31.97 16.24 12.63
N TYR F 106 32.56 17.37 12.98
CA TYR F 106 33.81 17.32 13.73
C TYR F 106 33.63 17.16 15.27
N ARG F 107 32.57 17.70 15.85
CA ARG F 107 32.45 17.75 17.33
C ARG F 107 31.42 16.77 17.95
N GLN F 108 31.01 15.75 17.22
CA GLN F 108 29.87 14.94 17.66
C GLN F 108 30.28 13.94 18.73
N PRO F 109 29.33 13.57 19.62
CA PRO F 109 27.95 14.06 19.73
C PRO F 109 27.93 15.44 20.38
N ILE F 110 27.07 16.33 19.92
CA ILE F 110 27.06 17.70 20.39
C ILE F 110 25.63 18.27 20.46
N THR F 111 25.37 19.15 21.42
CA THR F 111 24.01 19.68 21.61
C THR F 111 23.81 20.93 20.81
N ARG F 112 22.55 21.34 20.70
CA ARG F 112 22.24 22.58 20.02
C ARG F 112 22.92 23.72 20.74
N ALA F 113 22.79 23.77 22.07
CA ALA F 113 23.38 24.85 22.85
C ALA F 113 24.88 25.04 22.59
N GLU F 114 25.63 23.94 22.57
CA GLU F 114 27.06 24.03 22.30
C GLU F 114 27.31 24.56 20.88
N ILE F 115 26.50 24.09 19.92
CA ILE F 115 26.60 24.53 18.53
C ILE F 115 26.40 26.04 18.45
N GLU F 116 25.35 26.54 19.09
CA GLU F 116 25.06 27.97 19.14
C GLU F 116 26.15 28.80 19.82
N GLU F 117 26.99 28.15 20.63
CA GLU F 117 28.05 28.87 21.33
C GLU F 117 29.24 29.06 20.41
N ILE F 118 29.41 28.12 19.48
CA ILE F 118 30.49 28.22 18.51
C ILE F 118 30.12 29.18 17.38
N ARG F 119 28.89 29.08 16.87
CA ARG F 119 28.41 29.96 15.81
C ARG F 119 28.08 31.34 16.38
N GLY F 120 27.78 31.40 17.66
CA GLY F 120 27.41 32.68 18.25
C GLY F 120 26.05 33.17 17.81
N VAL F 121 25.21 32.26 17.33
CA VAL F 121 23.88 32.65 16.87
C VAL F 121 22.87 31.49 16.96
N LYS F 122 21.57 31.80 16.92
CA LYS F 122 20.49 30.84 17.22
C LYS F 122 20.49 29.42 16.58
N SER F 123 20.96 29.22 15.36
CA SER F 123 21.11 27.83 14.83
C SER F 123 19.91 26.84 14.88
N ASP F 124 18.73 27.34 15.20
CA ASP F 124 17.57 26.48 15.29
C ASP F 124 17.09 25.93 13.94
N LYS F 125 17.00 26.79 12.92
CA LYS F 125 16.52 26.37 11.62
C LYS F 125 17.51 25.51 10.80
N PRO F 126 18.83 25.77 10.91
CA PRO F 126 19.69 24.79 10.22
C PRO F 126 19.55 23.37 10.74
N LEU F 127 19.36 23.19 12.05
CA LEU F 127 19.19 21.83 12.60
C LEU F 127 17.97 21.14 12.01
N GLN F 128 16.84 21.84 11.90
CA GLN F 128 15.68 21.27 11.24
C GLN F 128 16.03 20.79 9.82
N THR F 129 16.54 21.72 9.02
CA THR F 129 17.00 21.42 7.67
C THR F 129 17.87 20.18 7.65
N LEU F 130 18.92 20.18 8.46
CA LEU F 130 19.87 19.07 8.48
C LEU F 130 19.21 17.76 8.90
N MET F 131 18.21 17.89 9.76
CA MET F 131 17.47 16.74 10.27
C MET F 131 16.49 16.20 9.22
N ALA F 132 15.74 17.11 8.61
CA ALA F 132 14.78 16.76 7.57
C ALA F 132 15.45 16.04 6.38
N ARG F 133 16.70 16.40 6.08
CA ARG F 133 17.44 15.74 5.01
C ARG F 133 18.15 14.48 5.48
N ALA F 134 17.92 14.07 6.73
CA ALA F 134 18.59 12.89 7.27
C ALA F 134 20.14 12.96 7.24
N LEU F 135 20.69 14.18 7.20
CA LEU F 135 22.13 14.33 7.25
C LEU F 135 22.65 14.18 8.69
N ILE F 136 21.82 14.53 9.66
CA ILE F 136 22.14 14.32 11.06
C ILE F 136 20.98 13.60 11.76
N LYS F 137 21.22 13.15 12.99
CA LYS F 137 20.15 12.57 13.79
C LYS F 137 20.44 12.67 15.28
N GLU F 138 19.39 12.49 16.07
CA GLU F 138 19.51 12.41 17.52
C GLU F 138 20.37 11.18 17.79
N VAL F 139 21.43 11.36 18.56
CA VAL F 139 22.35 10.27 18.81
C VAL F 139 22.40 9.96 20.31
N GLY F 140 21.59 10.65 21.09
CA GLY F 140 21.53 10.44 22.51
C GLY F 140 21.03 11.67 23.24
N ARG F 141 21.00 11.62 24.58
CA ARG F 141 20.64 12.78 25.38
C ARG F 141 21.78 13.10 26.34
N ALA F 142 22.05 14.38 26.51
CA ALA F 142 23.14 14.83 27.38
C ALA F 142 22.64 14.84 28.83
N GLU F 143 23.57 14.96 29.78
CA GLU F 143 23.23 14.98 31.22
C GLU F 143 22.45 16.22 31.63
N GLY F 144 21.87 16.17 32.82
CA GLY F 144 21.13 17.31 33.33
C GLY F 144 19.63 17.08 33.21
N THR F 145 18.87 17.88 33.92
CA THR F 145 17.43 17.75 33.92
C THR F 145 16.87 18.12 32.56
N GLY F 146 17.62 18.88 31.78
CA GLY F 146 17.18 19.28 30.45
C GLY F 146 17.19 18.16 29.41
N ARG F 147 18.00 17.12 29.67
CA ARG F 147 18.26 16.05 28.71
C ARG F 147 18.26 16.50 27.26
N PRO F 148 19.07 17.54 26.91
CA PRO F 148 19.05 18.13 25.56
C PRO F 148 19.60 17.15 24.51
N ILE F 149 19.12 17.26 23.27
CA ILE F 149 19.52 16.30 22.23
C ILE F 149 21.01 16.38 21.86
N LEU F 150 21.62 15.21 21.68
CA LEU F 150 22.97 15.13 21.12
C LEU F 150 22.86 14.74 19.64
N TYR F 151 23.45 15.55 18.77
CA TYR F 151 23.38 15.31 17.32
C TYR F 151 24.65 14.65 16.81
N GLY F 152 24.48 13.78 15.82
CA GLY F 152 25.60 13.16 15.11
C GLY F 152 25.29 13.04 13.62
N THR F 153 26.27 12.61 12.84
CA THR F 153 26.04 12.49 11.40
C THR F 153 25.58 11.09 11.04
N THR F 154 25.13 10.91 9.79
CA THR F 154 24.48 9.68 9.35
C THR F 154 25.20 9.11 8.13
N PRO F 155 24.87 7.88 7.72
CA PRO F 155 25.36 7.41 6.41
C PRO F 155 24.97 8.32 5.24
N GLU F 156 23.74 8.85 5.22
CA GLU F 156 23.34 9.82 4.18
C GLU F 156 24.34 10.97 4.13
N PHE F 157 24.82 11.42 5.28
CA PHE F 157 25.83 12.48 5.32
C PHE F 157 27.05 12.05 4.53
N LEU F 158 27.52 10.83 4.77
CA LEU F 158 28.68 10.34 4.05
C LEU F 158 28.41 10.31 2.54
N ASP F 159 27.25 9.83 2.12
CA ASP F 159 26.93 9.83 0.70
C ASP F 159 26.89 11.23 0.09
N TYR F 160 26.26 12.15 0.79
CA TYR F 160 26.01 13.48 0.26
C TYR F 160 27.29 14.29 0.04
N PHE F 161 28.39 13.91 0.70
CA PHE F 161 29.66 14.64 0.57
C PHE F 161 30.79 13.80 -0.01
N GLY F 162 30.46 12.60 -0.46
CA GLY F 162 31.43 11.76 -1.15
C GLY F 162 32.47 11.15 -0.24
N LEU F 163 32.03 10.67 0.92
CA LEU F 163 32.93 10.09 1.90
C LEU F 163 32.72 8.60 2.07
N LYS F 164 33.81 7.85 2.27
CA LYS F 164 33.67 6.45 2.69
C LYS F 164 33.43 6.41 4.19
N THR F 165 34.21 7.20 4.91
CA THR F 165 34.16 7.25 6.37
C THR F 165 34.35 8.67 6.81
N LEU F 166 33.98 8.96 8.05
CA LEU F 166 34.25 10.27 8.62
C LEU F 166 35.77 10.53 8.65
N GLU F 167 36.56 9.48 8.75
CA GLU F 167 38.02 9.63 8.78
C GLU F 167 38.58 10.33 7.54
N GLU F 168 37.83 10.30 6.44
CA GLU F 168 38.27 10.95 5.21
C GLU F 168 38.08 12.45 5.25
N LEU F 169 37.42 12.93 6.29
CA LEU F 169 37.33 14.37 6.49
C LEU F 169 38.74 14.91 6.73
N PRO F 170 39.05 16.05 6.08
CA PRO F 170 40.35 16.72 6.26
C PRO F 170 40.44 17.29 7.67
N PRO F 171 41.63 17.24 8.29
CA PRO F 171 41.71 17.73 9.67
C PRO F 171 41.37 19.21 9.73
N LEU F 172 40.79 19.65 10.85
CA LEU F 172 40.53 21.05 11.05
C LEU F 172 41.85 21.77 11.10
N PRO F 173 41.90 23.00 10.56
CA PRO F 173 43.12 23.80 10.73
C PRO F 173 43.46 23.97 12.22
N GLU F 174 44.61 23.43 12.62
CA GLU F 174 45.00 23.43 14.03
C GLU F 174 45.75 24.71 14.41
N TRP F 175 45.60 25.76 13.60
CA TRP F 175 46.30 27.02 13.88
C TRP F 175 45.83 27.79 15.13
#